data_3WDM
#
_entry.id   3WDM
#
_cell.length_a   79.802
_cell.length_b   80.814
_cell.length_c   84.225
_cell.angle_alpha   90.00
_cell.angle_beta   110.07
_cell.angle_gamma   90.00
#
_symmetry.space_group_name_H-M   'P 1 21 1'
#
loop_
_entity.id
_entity.type
_entity.pdbx_description
1 polymer '4-phosphopantoate--beta-alanine ligase'
2 non-polymer ADENOSINE
3 water water
#
_entity_poly.entity_id   1
_entity_poly.type   'polypeptide(L)'
_entity_poly.pdbx_seq_one_letter_code
;MVNIPKSHPRYWSLYYREKIIEGMEKGMTAKAGLIAHGRGEAFDYLIGERTIEPAERAMRAAVAKFLLAEHPVISVNGNV
AALVPKETIELAKALNAKLEINLFYRTEERVRTIAEELRKYDPEIEILGINPTKRIPGLEHERGKVDENGIWKADVVLVP
LEDGDRTEALVRMGKFVVTVDLNPLSRSARMADITIVDNIVRAYPRMVELAREMKDYSREELLKIVGEYDNGKTLSDVLL
HIRDRLTRLAEEGIWRRKELE
;
_entity_poly.pdbx_strand_id   A,B,C,D
#
loop_
_chem_comp.id
_chem_comp.type
_chem_comp.name
_chem_comp.formula
ADN non-polymer ADENOSINE 'C10 H13 N5 O4'
#
# COMPACT_ATOMS: atom_id res chain seq x y z
N VAL A 2 -27.02 7.25 -34.48
CA VAL A 2 -25.58 7.57 -34.65
C VAL A 2 -25.03 8.34 -33.45
N ASN A 3 -25.20 9.67 -33.48
CA ASN A 3 -24.73 10.54 -32.42
C ASN A 3 -25.88 11.10 -31.59
N ILE A 4 -25.54 11.80 -30.52
CA ILE A 4 -26.54 12.40 -29.62
C ILE A 4 -26.85 13.83 -30.09
N PRO A 5 -28.13 14.19 -30.20
CA PRO A 5 -28.54 15.54 -30.64
C PRO A 5 -27.87 16.57 -29.73
N LYS A 6 -27.04 17.43 -30.30
CA LYS A 6 -26.34 18.45 -29.52
C LYS A 6 -27.23 19.24 -28.58
N SER A 7 -28.52 19.31 -28.89
CA SER A 7 -29.44 20.06 -28.04
C SER A 7 -29.78 19.29 -26.76
N HIS A 8 -29.63 17.96 -26.77
CA HIS A 8 -29.90 17.12 -25.60
C HIS A 8 -29.15 17.66 -24.38
N PRO A 9 -29.85 17.86 -23.25
CA PRO A 9 -29.13 18.39 -22.10
C PRO A 9 -27.98 17.50 -21.62
N ARG A 10 -28.10 16.20 -21.82
CA ARG A 10 -27.05 15.27 -21.39
C ARG A 10 -26.05 14.97 -22.50
N TYR A 11 -25.98 15.87 -23.48
CA TYR A 11 -25.08 15.69 -24.62
C TYR A 11 -23.67 15.21 -24.28
N TRP A 12 -22.91 16.03 -23.58
CA TRP A 12 -21.54 15.67 -23.24
C TRP A 12 -21.47 14.32 -22.52
N SER A 13 -22.23 14.17 -21.45
CA SER A 13 -22.28 12.91 -20.71
C SER A 13 -22.44 11.72 -21.66
N LEU A 14 -23.43 11.81 -22.55
CA LEU A 14 -23.72 10.75 -23.51
C LEU A 14 -22.66 10.59 -24.60
N TYR A 15 -22.08 11.70 -25.02
CA TYR A 15 -21.04 11.71 -26.04
C TYR A 15 -19.86 10.87 -25.56
N TYR A 16 -19.37 11.17 -24.37
CA TYR A 16 -18.23 10.41 -23.86
C TYR A 16 -18.54 8.97 -23.52
N ARG A 17 -19.80 8.66 -23.21
CA ARG A 17 -20.18 7.26 -22.96
C ARG A 17 -20.01 6.55 -24.29
N GLU A 18 -20.39 7.25 -25.36
CA GLU A 18 -20.28 6.71 -26.70
C GLU A 18 -18.81 6.44 -27.01
N LYS A 19 -17.96 7.43 -26.73
CA LYS A 19 -16.53 7.31 -26.98
C LYS A 19 -15.90 6.16 -26.23
N ILE A 20 -16.25 6.00 -24.96
CA ILE A 20 -15.67 4.89 -24.21
C ILE A 20 -16.18 3.58 -24.83
N ILE A 21 -17.44 3.57 -25.26
CA ILE A 21 -17.99 2.37 -25.88
C ILE A 21 -17.23 2.09 -27.21
N GLU A 22 -17.03 3.13 -28.01
CA GLU A 22 -16.31 2.96 -29.27
C GLU A 22 -14.90 2.49 -29.00
N GLY A 23 -14.36 2.94 -27.86
CA GLY A 23 -13.01 2.54 -27.51
C GLY A 23 -12.91 1.04 -27.27
N MET A 24 -13.92 0.46 -26.62
CA MET A 24 -13.87 -0.96 -26.39
C MET A 24 -14.12 -1.68 -27.71
N GLU A 25 -14.92 -1.05 -28.57
CA GLU A 25 -15.22 -1.62 -29.88
C GLU A 25 -13.93 -1.67 -30.71
N LYS A 26 -13.03 -0.72 -30.47
CA LYS A 26 -11.77 -0.66 -31.19
C LYS A 26 -10.68 -1.53 -30.56
N GLY A 27 -10.98 -2.18 -29.44
CA GLY A 27 -9.99 -3.02 -28.80
C GLY A 27 -9.01 -2.30 -27.87
N MET A 28 -9.14 -0.98 -27.72
CA MET A 28 -8.24 -0.24 -26.83
C MET A 28 -8.68 -0.31 -25.37
N THR A 29 -9.99 -0.29 -25.15
CA THR A 29 -10.58 -0.30 -23.81
C THR A 29 -11.04 -1.68 -23.36
N ALA A 30 -10.78 -2.03 -22.11
CA ALA A 30 -11.21 -3.33 -21.61
C ALA A 30 -12.65 -3.19 -21.11
N LYS A 31 -13.36 -4.31 -21.05
CA LYS A 31 -14.75 -4.27 -20.57
C LYS A 31 -14.81 -3.58 -19.20
N ALA A 32 -13.90 -3.94 -18.30
CA ALA A 32 -13.89 -3.33 -16.97
C ALA A 32 -13.63 -1.82 -17.04
N GLY A 33 -13.08 -1.38 -18.18
CA GLY A 33 -12.82 0.03 -18.37
C GLY A 33 -14.15 0.77 -18.47
N LEU A 34 -15.15 0.09 -19.01
CA LEU A 34 -16.49 0.65 -19.15
C LEU A 34 -17.08 0.87 -17.76
N ILE A 35 -16.90 -0.11 -16.88
CA ILE A 35 -17.40 -0.02 -15.51
C ILE A 35 -16.65 1.12 -14.81
N ALA A 36 -15.33 1.18 -14.98
CA ALA A 36 -14.57 2.28 -14.37
C ALA A 36 -15.07 3.64 -14.88
N HIS A 37 -15.48 3.73 -16.14
CA HIS A 37 -15.96 5.00 -16.68
C HIS A 37 -17.21 5.41 -15.87
N GLY A 38 -18.06 4.43 -15.58
CA GLY A 38 -19.26 4.67 -14.82
C GLY A 38 -18.98 5.14 -13.41
N ARG A 39 -17.96 4.57 -12.78
CA ARG A 39 -17.60 4.98 -11.43
C ARG A 39 -17.18 6.45 -11.44
N GLY A 40 -16.47 6.86 -12.49
CA GLY A 40 -16.06 8.25 -12.61
C GLY A 40 -17.27 9.15 -12.76
N GLU A 41 -18.21 8.74 -13.61
CA GLU A 41 -19.41 9.52 -13.85
C GLU A 41 -20.20 9.80 -12.56
N ALA A 42 -20.28 8.80 -11.69
CA ALA A 42 -21.01 8.93 -10.44
C ALA A 42 -20.42 10.06 -9.63
N PHE A 43 -19.11 10.06 -9.49
CA PHE A 43 -18.47 11.13 -8.75
C PHE A 43 -18.67 12.46 -9.49
N ASP A 44 -18.72 12.43 -10.82
CA ASP A 44 -18.91 13.68 -11.54
C ASP A 44 -20.30 14.22 -11.21
N TYR A 45 -21.26 13.34 -10.99
CA TYR A 45 -22.61 13.75 -10.60
C TYR A 45 -22.57 14.49 -9.27
N LEU A 46 -21.70 14.04 -8.37
CA LEU A 46 -21.57 14.66 -7.05
C LEU A 46 -20.87 16.02 -7.08
N ILE A 47 -19.85 16.15 -7.93
CA ILE A 47 -19.13 17.41 -8.03
C ILE A 47 -19.91 18.41 -8.88
N GLY A 48 -20.83 17.91 -9.68
CA GLY A 48 -21.63 18.80 -10.49
C GLY A 48 -21.13 18.93 -11.91
N GLU A 49 -20.34 17.95 -12.36
CA GLU A 49 -19.86 17.94 -13.73
C GLU A 49 -19.22 19.23 -14.25
N ARG A 50 -18.28 19.77 -13.49
CA ARG A 50 -17.60 20.98 -13.92
C ARG A 50 -16.27 20.99 -13.21
N THR A 51 -15.37 21.86 -13.65
CA THR A 51 -14.07 21.96 -13.02
C THR A 51 -14.22 22.90 -11.82
N ILE A 52 -13.97 22.41 -10.62
CA ILE A 52 -14.06 23.28 -9.46
C ILE A 52 -12.69 23.86 -9.15
N GLU A 53 -12.65 24.92 -8.35
CA GLU A 53 -11.40 25.60 -8.03
C GLU A 53 -10.30 24.70 -7.45
N PRO A 54 -10.65 23.75 -6.57
CA PRO A 54 -9.59 22.90 -6.03
C PRO A 54 -8.92 22.06 -7.13
N ALA A 55 -9.65 21.81 -8.21
CA ALA A 55 -9.12 21.05 -9.34
C ALA A 55 -8.22 21.97 -10.19
N GLU A 56 -8.70 23.19 -10.44
CA GLU A 56 -7.92 24.15 -11.22
C GLU A 56 -6.61 24.35 -10.49
N ARG A 57 -6.71 24.43 -9.16
CA ARG A 57 -5.55 24.63 -8.28
C ARG A 57 -4.52 23.52 -8.42
N ALA A 58 -5.00 22.28 -8.44
CA ALA A 58 -4.10 21.15 -8.56
C ALA A 58 -3.51 21.15 -9.97
N MET A 59 -4.33 21.53 -10.95
CA MET A 59 -3.86 21.56 -12.33
C MET A 59 -2.71 22.52 -12.57
N ARG A 60 -2.75 23.70 -11.96
CA ARG A 60 -1.67 24.66 -12.12
C ARG A 60 -0.41 24.10 -11.48
N ALA A 61 -0.57 23.47 -10.32
CA ALA A 61 0.56 22.89 -9.62
C ALA A 61 1.19 21.76 -10.43
N ALA A 62 0.36 20.93 -11.05
CA ALA A 62 0.88 19.81 -11.81
C ALA A 62 1.69 20.33 -13.01
N VAL A 63 1.15 21.32 -13.71
CA VAL A 63 1.83 21.88 -14.87
C VAL A 63 3.18 22.50 -14.47
N ALA A 64 3.17 23.27 -13.38
CA ALA A 64 4.37 23.90 -12.86
C ALA A 64 5.44 22.84 -12.62
N LYS A 65 5.04 21.76 -11.95
CA LYS A 65 5.95 20.64 -11.63
C LYS A 65 6.48 19.96 -12.89
N PHE A 66 5.62 19.76 -13.87
CA PHE A 66 6.03 19.13 -15.11
C PHE A 66 7.00 19.99 -15.91
N LEU A 67 6.81 21.31 -15.85
CA LEU A 67 7.68 22.25 -16.56
C LEU A 67 9.05 22.36 -15.90
N LEU A 68 9.10 21.97 -14.63
CA LEU A 68 10.34 22.01 -13.85
C LEU A 68 11.01 20.65 -13.87
N ALA A 69 10.30 19.66 -14.37
CA ALA A 69 10.81 18.30 -14.39
C ALA A 69 11.91 18.09 -15.42
N GLU A 70 12.81 17.17 -15.12
CA GLU A 70 13.91 16.86 -16.04
C GLU A 70 13.57 15.65 -16.92
N HIS A 71 12.77 14.71 -16.39
CA HIS A 71 12.39 13.53 -17.16
C HIS A 71 10.89 13.18 -17.02
N PRO A 72 10.01 14.15 -17.32
CA PRO A 72 8.56 13.94 -17.23
C PRO A 72 8.02 12.86 -18.17
N VAL A 73 7.04 12.11 -17.68
CA VAL A 73 6.42 11.06 -18.48
C VAL A 73 4.90 11.07 -18.28
N ILE A 74 4.16 10.90 -19.35
CA ILE A 74 2.70 10.85 -19.27
C ILE A 74 2.26 9.43 -19.62
N SER A 75 1.49 8.81 -18.73
CA SER A 75 1.02 7.44 -18.95
C SER A 75 -0.33 7.45 -19.67
N VAL A 76 -0.54 6.46 -20.53
CA VAL A 76 -1.77 6.35 -21.31
C VAL A 76 -2.32 4.93 -21.15
N ASN A 77 -3.62 4.82 -20.85
CA ASN A 77 -4.25 3.51 -20.74
C ASN A 77 -5.44 3.46 -21.70
N GLY A 78 -6.19 2.36 -21.64
CA GLY A 78 -7.33 2.18 -22.53
C GLY A 78 -8.42 3.24 -22.47
N ASN A 79 -8.74 3.70 -21.26
CA ASN A 79 -9.77 4.71 -21.09
C ASN A 79 -9.23 6.04 -21.60
N VAL A 80 -7.97 6.33 -21.30
CA VAL A 80 -7.38 7.58 -21.78
C VAL A 80 -7.40 7.64 -23.31
N ALA A 81 -6.98 6.54 -23.93
CA ALA A 81 -6.94 6.46 -25.39
C ALA A 81 -8.32 6.69 -26.03
N ALA A 82 -9.36 6.17 -25.41
CA ALA A 82 -10.68 6.35 -25.97
C ALA A 82 -11.23 7.76 -25.79
N LEU A 83 -10.90 8.41 -24.70
CA LEU A 83 -11.48 9.73 -24.43
C LEU A 83 -10.73 10.98 -24.81
N VAL A 84 -9.42 10.98 -24.65
CA VAL A 84 -8.63 12.16 -24.95
C VAL A 84 -7.33 11.84 -25.66
N PRO A 85 -7.39 11.01 -26.72
CA PRO A 85 -6.13 10.69 -27.42
C PRO A 85 -5.42 11.93 -27.96
N LYS A 86 -6.18 12.83 -28.57
CA LYS A 86 -5.58 14.03 -29.14
C LYS A 86 -5.00 14.94 -28.07
N GLU A 87 -5.75 15.18 -26.99
CA GLU A 87 -5.25 16.06 -25.93
C GLU A 87 -4.08 15.46 -25.18
N THR A 88 -4.00 14.14 -25.14
CA THR A 88 -2.89 13.46 -24.45
C THR A 88 -1.60 13.81 -25.19
N ILE A 89 -1.66 13.71 -26.51
CA ILE A 89 -0.53 14.02 -27.36
C ILE A 89 -0.21 15.51 -27.25
N GLU A 90 -1.24 16.34 -27.21
CA GLU A 90 -1.04 17.78 -27.08
C GLU A 90 -0.36 18.14 -25.77
N LEU A 91 -0.78 17.52 -24.67
CA LEU A 91 -0.21 17.80 -23.35
C LEU A 91 1.26 17.39 -23.26
N ALA A 92 1.56 16.22 -23.81
CA ALA A 92 2.93 15.71 -23.79
C ALA A 92 3.89 16.68 -24.46
N LYS A 93 3.53 17.14 -25.66
CA LYS A 93 4.36 18.09 -26.39
C LYS A 93 4.47 19.39 -25.61
N ALA A 94 3.36 19.91 -25.10
CA ALA A 94 3.39 21.16 -24.35
C ALA A 94 4.20 21.07 -23.07
N LEU A 95 4.44 19.87 -22.58
CA LEU A 95 5.22 19.70 -21.36
C LEU A 95 6.55 19.03 -21.68
N ASN A 96 6.75 18.72 -22.95
CA ASN A 96 7.97 18.06 -23.41
C ASN A 96 8.18 16.77 -22.62
N ALA A 97 7.11 16.00 -22.49
CA ALA A 97 7.16 14.74 -21.76
C ALA A 97 6.95 13.59 -22.74
N LYS A 98 7.41 12.41 -22.36
CA LYS A 98 7.24 11.25 -23.20
C LYS A 98 5.91 10.58 -22.87
N LEU A 99 5.42 9.76 -23.79
CA LEU A 99 4.16 9.05 -23.62
C LEU A 99 4.45 7.56 -23.51
N GLU A 100 3.82 6.91 -22.53
CA GLU A 100 4.00 5.50 -22.27
C GLU A 100 2.66 4.78 -22.04
N ILE A 101 2.47 3.67 -22.72
CA ILE A 101 1.26 2.89 -22.55
C ILE A 101 1.46 1.96 -21.35
N ASN A 102 0.50 1.94 -20.44
CA ASN A 102 0.51 1.08 -19.26
C ASN A 102 -0.95 0.65 -19.11
N LEU A 103 -1.21 -0.65 -19.13
CA LEU A 103 -2.58 -1.17 -19.02
C LEU A 103 -2.75 -2.11 -17.84
N PHE A 104 -4.00 -2.38 -17.46
CA PHE A 104 -4.24 -3.32 -16.37
C PHE A 104 -4.22 -4.71 -17.00
N TYR A 105 -4.89 -4.84 -18.14
CA TYR A 105 -4.94 -6.10 -18.88
C TYR A 105 -4.21 -5.89 -20.21
N ARG A 106 -2.89 -6.09 -20.17
CA ARG A 106 -2.04 -5.90 -21.34
C ARG A 106 -2.01 -7.06 -22.33
N THR A 107 -2.28 -6.74 -23.60
CA THR A 107 -2.22 -7.73 -24.67
C THR A 107 -1.60 -6.97 -25.84
N GLU A 108 -0.98 -7.71 -26.75
CA GLU A 108 -0.33 -7.12 -27.91
C GLU A 108 -1.32 -6.30 -28.76
N GLU A 109 -2.57 -6.75 -28.81
CA GLU A 109 -3.60 -6.09 -29.60
C GLU A 109 -4.06 -4.73 -29.06
N ARG A 110 -4.26 -4.65 -27.75
CA ARG A 110 -4.70 -3.41 -27.13
C ARG A 110 -3.59 -2.37 -27.25
N VAL A 111 -2.35 -2.80 -27.08
CA VAL A 111 -1.21 -1.89 -27.19
C VAL A 111 -1.18 -1.32 -28.61
N ARG A 112 -1.24 -2.22 -29.60
CA ARG A 112 -1.20 -1.80 -31.00
C ARG A 112 -2.33 -0.82 -31.30
N THR A 113 -3.56 -1.22 -30.96
CA THR A 113 -4.70 -0.37 -31.20
C THR A 113 -4.57 0.99 -30.52
N ILE A 114 -4.04 1.00 -29.30
CA ILE A 114 -3.86 2.26 -28.61
C ILE A 114 -2.78 3.07 -29.36
N ALA A 115 -1.70 2.40 -29.74
CA ALA A 115 -0.63 3.07 -30.48
C ALA A 115 -1.18 3.69 -31.77
N GLU A 116 -1.98 2.92 -32.51
CA GLU A 116 -2.58 3.40 -33.77
C GLU A 116 -3.44 4.64 -33.57
N GLU A 117 -4.29 4.59 -32.53
CA GLU A 117 -5.18 5.71 -32.24
C GLU A 117 -4.36 6.97 -32.04
N LEU A 118 -3.34 6.89 -31.18
CA LEU A 118 -2.47 8.03 -30.91
C LEU A 118 -1.81 8.60 -32.16
N ARG A 119 -1.33 7.71 -33.03
CA ARG A 119 -0.66 8.11 -34.27
C ARG A 119 -1.60 8.79 -35.28
N LYS A 120 -2.88 8.50 -35.17
CA LYS A 120 -3.88 9.09 -36.06
C LYS A 120 -3.87 10.59 -35.84
N TYR A 121 -3.34 11.03 -34.70
CA TYR A 121 -3.27 12.46 -34.44
C TYR A 121 -1.84 12.93 -34.55
N ASP A 122 -0.95 11.99 -34.87
CA ASP A 122 0.47 12.30 -35.06
C ASP A 122 1.20 11.02 -35.42
N PRO A 123 1.32 10.73 -36.72
CA PRO A 123 2.01 9.51 -37.13
C PRO A 123 3.47 9.53 -36.70
N GLU A 124 3.94 10.69 -36.27
CA GLU A 124 5.33 10.86 -35.87
C GLU A 124 5.67 10.60 -34.40
N ILE A 125 4.74 10.88 -33.48
CA ILE A 125 5.03 10.69 -32.07
C ILE A 125 5.59 9.32 -31.71
N GLU A 126 6.57 9.35 -30.82
CA GLU A 126 7.23 8.15 -30.32
C GLU A 126 6.39 7.68 -29.15
N ILE A 127 6.18 6.39 -29.07
CA ILE A 127 5.37 5.85 -28.00
C ILE A 127 6.13 4.78 -27.21
N LEU A 128 6.30 5.01 -25.92
CA LEU A 128 7.00 4.05 -25.09
C LEU A 128 6.01 3.02 -24.53
N GLY A 129 6.54 2.03 -23.83
CA GLY A 129 5.69 1.01 -23.24
C GLY A 129 5.15 -0.08 -24.15
N ILE A 130 5.65 -0.16 -25.38
CA ILE A 130 5.15 -1.20 -26.31
C ILE A 130 5.42 -2.59 -25.73
N ASN A 131 6.64 -2.80 -25.26
CA ASN A 131 7.03 -4.07 -24.62
C ASN A 131 7.93 -3.74 -23.43
N PRO A 132 7.37 -3.14 -22.36
CA PRO A 132 8.14 -2.78 -21.17
C PRO A 132 8.88 -3.94 -20.52
N THR A 133 10.12 -3.70 -20.12
CA THR A 133 10.96 -4.75 -19.52
C THR A 133 11.30 -4.61 -18.04
N LYS A 134 11.12 -3.42 -17.50
CA LYS A 134 11.44 -3.16 -16.09
C LYS A 134 10.26 -3.41 -15.16
N ARG A 135 10.47 -4.27 -14.18
CA ARG A 135 9.38 -4.58 -13.26
C ARG A 135 9.50 -3.76 -11.99
N ILE A 136 8.37 -3.16 -11.62
CA ILE A 136 8.27 -2.36 -10.43
C ILE A 136 7.85 -3.27 -9.28
N PRO A 137 8.75 -3.45 -8.30
CA PRO A 137 8.44 -4.31 -7.14
C PRO A 137 7.17 -3.88 -6.43
N GLY A 138 6.51 -4.83 -5.76
CA GLY A 138 5.29 -4.53 -5.04
C GLY A 138 4.02 -4.64 -5.87
N LEU A 139 4.14 -5.17 -7.08
CA LEU A 139 2.97 -5.31 -7.95
C LEU A 139 2.93 -6.74 -8.53
N GLU A 140 1.73 -7.23 -8.84
CA GLU A 140 1.61 -8.55 -9.41
C GLU A 140 2.40 -8.54 -10.72
N HIS A 141 3.01 -9.68 -11.05
CA HIS A 141 3.82 -9.81 -12.26
C HIS A 141 3.26 -9.16 -13.52
N GLU A 142 2.01 -9.43 -13.84
CA GLU A 142 1.39 -8.88 -15.05
C GLU A 142 0.96 -7.42 -14.98
N ARG A 143 1.13 -6.79 -13.82
CA ARG A 143 0.69 -5.40 -13.65
C ARG A 143 1.81 -4.38 -13.45
N GLY A 144 3.03 -4.83 -13.20
CA GLY A 144 4.09 -3.89 -12.94
C GLY A 144 5.32 -3.80 -13.81
N LYS A 145 5.17 -3.89 -15.12
CA LYS A 145 6.33 -3.77 -15.98
C LYS A 145 6.22 -2.38 -16.61
N VAL A 146 7.31 -1.62 -16.60
CA VAL A 146 7.31 -0.29 -17.21
C VAL A 146 8.45 -0.20 -18.19
N ASP A 147 8.46 0.86 -18.98
CA ASP A 147 9.49 1.09 -19.99
C ASP A 147 10.74 1.65 -19.34
N GLU A 148 11.86 0.98 -19.62
CA GLU A 148 13.16 1.36 -19.11
C GLU A 148 13.54 2.80 -19.40
N ASN A 149 13.09 3.32 -20.54
CA ASN A 149 13.41 4.69 -20.92
C ASN A 149 12.25 5.64 -20.63
N GLY A 150 11.21 5.10 -19.98
CA GLY A 150 10.05 5.89 -19.65
C GLY A 150 9.91 6.09 -18.15
N ILE A 151 8.84 5.54 -17.58
CA ILE A 151 8.59 5.67 -16.15
C ILE A 151 9.78 5.22 -15.30
N TRP A 152 10.51 4.21 -15.76
CA TRP A 152 11.63 3.71 -14.97
C TRP A 152 12.67 4.79 -14.63
N LYS A 153 12.87 5.72 -15.56
CA LYS A 153 13.84 6.78 -15.38
C LYS A 153 13.21 8.14 -15.08
N ALA A 154 11.88 8.17 -15.05
CA ALA A 154 11.20 9.44 -14.83
C ALA A 154 11.31 9.97 -13.39
N ASP A 155 11.14 11.29 -13.28
CA ASP A 155 11.13 11.92 -11.98
C ASP A 155 9.68 12.30 -11.70
N VAL A 156 8.99 12.82 -12.71
CA VAL A 156 7.59 13.23 -12.56
C VAL A 156 6.73 12.43 -13.52
N VAL A 157 5.68 11.78 -13.01
CA VAL A 157 4.80 10.98 -13.84
C VAL A 157 3.32 11.32 -13.68
N LEU A 158 2.63 11.38 -14.81
CA LEU A 158 1.20 11.65 -14.81
C LEU A 158 0.52 10.31 -15.08
N VAL A 159 -0.27 9.84 -14.13
CA VAL A 159 -0.97 8.55 -14.29
C VAL A 159 -2.45 8.77 -13.98
N PRO A 160 -3.25 9.09 -15.01
CA PRO A 160 -4.68 9.34 -14.84
C PRO A 160 -5.53 8.07 -14.78
N LEU A 161 -6.72 8.17 -14.19
CA LEU A 161 -7.65 7.05 -14.09
C LEU A 161 -6.86 5.80 -13.81
N GLU A 162 -6.05 5.88 -12.76
CA GLU A 162 -5.13 4.80 -12.41
C GLU A 162 -5.43 4.02 -11.16
N ASP A 163 -4.92 2.79 -11.17
CA ASP A 163 -5.10 1.87 -10.07
C ASP A 163 -4.28 2.35 -8.87
N GLY A 164 -4.88 2.28 -7.68
CA GLY A 164 -4.23 2.72 -6.47
C GLY A 164 -2.91 2.03 -6.22
N ASP A 165 -2.89 0.71 -6.41
CA ASP A 165 -1.67 -0.06 -6.23
C ASP A 165 -0.53 0.46 -7.11
N ARG A 166 -0.87 0.90 -8.32
CA ARG A 166 0.14 1.39 -9.27
C ARG A 166 0.60 2.78 -8.88
N THR A 167 -0.34 3.62 -8.48
CA THR A 167 -0.01 4.95 -8.07
C THR A 167 0.85 4.83 -6.83
N GLU A 168 0.44 3.93 -5.94
CA GLU A 168 1.15 3.71 -4.70
C GLU A 168 2.56 3.16 -4.95
N ALA A 169 2.68 2.26 -5.93
CA ALA A 169 3.97 1.64 -6.25
C ALA A 169 4.99 2.63 -6.81
N LEU A 170 4.51 3.56 -7.64
CA LEU A 170 5.41 4.55 -8.23
C LEU A 170 5.93 5.48 -7.14
N VAL A 171 5.03 5.90 -6.26
CA VAL A 171 5.40 6.77 -5.15
C VAL A 171 6.51 6.06 -4.36
N ARG A 172 6.33 4.75 -4.16
CA ARG A 172 7.30 3.93 -3.44
C ARG A 172 8.62 3.76 -4.18
N MET A 173 8.60 3.97 -5.50
CA MET A 173 9.81 3.89 -6.33
C MET A 173 10.42 5.27 -6.39
N GLY A 174 9.88 6.19 -5.61
CA GLY A 174 10.41 7.55 -5.58
C GLY A 174 10.00 8.48 -6.71
N LYS A 175 8.92 8.16 -7.40
CA LYS A 175 8.42 9.00 -8.48
C LYS A 175 7.44 10.01 -7.90
N PHE A 176 7.47 11.23 -8.41
CA PHE A 176 6.53 12.26 -7.99
C PHE A 176 5.35 11.97 -8.90
N VAL A 177 4.22 11.59 -8.28
CA VAL A 177 3.06 11.22 -9.07
C VAL A 177 1.91 12.20 -9.10
N VAL A 178 1.46 12.50 -10.32
CA VAL A 178 0.33 13.40 -10.53
C VAL A 178 -0.78 12.52 -11.08
N THR A 179 -1.98 12.65 -10.54
CA THR A 179 -3.07 11.87 -11.11
C THR A 179 -4.30 12.74 -11.35
N VAL A 180 -5.20 12.22 -12.17
CA VAL A 180 -6.49 12.85 -12.45
C VAL A 180 -7.46 11.72 -12.06
N ASP A 181 -8.34 11.98 -11.09
CA ASP A 181 -9.28 10.95 -10.62
C ASP A 181 -10.48 11.67 -10.02
N LEU A 182 -11.67 11.36 -10.53
CA LEU A 182 -12.88 11.97 -10.05
C LEU A 182 -13.26 11.53 -8.62
N ASN A 183 -12.68 10.42 -8.15
CA ASN A 183 -12.94 9.94 -6.80
C ASN A 183 -11.87 10.45 -5.85
N PRO A 184 -12.20 11.46 -5.05
CA PRO A 184 -11.24 12.04 -4.10
C PRO A 184 -10.83 11.10 -2.96
N LEU A 185 -11.55 9.99 -2.81
CA LEU A 185 -11.27 9.04 -1.73
C LEU A 185 -10.57 7.79 -2.22
N SER A 186 -10.31 7.69 -3.52
CA SER A 186 -9.66 6.48 -4.01
C SER A 186 -8.23 6.40 -3.47
N ARG A 187 -7.66 5.19 -3.43
CA ARG A 187 -6.29 5.00 -2.97
C ARG A 187 -5.33 5.83 -3.84
N SER A 188 -5.60 5.86 -5.13
CA SER A 188 -4.78 6.64 -6.06
C SER A 188 -4.83 8.13 -5.68
N ALA A 189 -6.02 8.67 -5.44
CA ALA A 189 -6.17 10.08 -5.10
C ALA A 189 -5.41 10.43 -3.82
N ARG A 190 -5.44 9.51 -2.86
CA ARG A 190 -4.80 9.66 -1.57
C ARG A 190 -3.29 9.48 -1.59
N MET A 191 -2.79 8.63 -2.49
CA MET A 191 -1.37 8.38 -2.53
C MET A 191 -0.59 9.28 -3.47
N ALA A 192 -1.27 9.88 -4.44
CA ALA A 192 -0.61 10.77 -5.38
C ALA A 192 -0.12 12.05 -4.72
N ASP A 193 0.94 12.63 -5.28
CA ASP A 193 1.51 13.87 -4.78
C ASP A 193 0.60 15.04 -5.15
N ILE A 194 0.05 14.99 -6.36
CA ILE A 194 -0.89 16.00 -6.83
C ILE A 194 -2.11 15.29 -7.44
N THR A 195 -3.26 15.52 -6.83
CA THR A 195 -4.49 14.88 -7.26
C THR A 195 -5.42 15.89 -7.88
N ILE A 196 -5.73 15.68 -9.16
CA ILE A 196 -6.62 16.56 -9.90
C ILE A 196 -7.99 15.88 -9.94
N VAL A 197 -8.92 16.39 -9.14
CA VAL A 197 -10.26 15.80 -9.09
C VAL A 197 -11.19 16.49 -10.07
N ASP A 198 -11.17 15.99 -11.29
CA ASP A 198 -11.95 16.59 -12.34
C ASP A 198 -12.02 15.49 -13.40
N ASN A 199 -12.97 15.62 -14.32
CA ASN A 199 -13.12 14.65 -15.38
C ASN A 199 -11.96 14.85 -16.35
N ILE A 200 -11.32 13.76 -16.78
CA ILE A 200 -10.20 13.92 -17.69
C ILE A 200 -10.56 14.66 -18.98
N VAL A 201 -11.83 14.63 -19.38
CA VAL A 201 -12.21 15.33 -20.61
C VAL A 201 -12.20 16.86 -20.41
N ARG A 202 -12.21 17.31 -19.17
CA ARG A 202 -12.13 18.75 -18.91
C ARG A 202 -10.70 19.07 -18.49
N ALA A 203 -10.11 18.15 -17.73
CA ALA A 203 -8.76 18.33 -17.22
C ALA A 203 -7.63 18.46 -18.24
N TYR A 204 -7.53 17.50 -19.15
CA TYR A 204 -6.45 17.52 -20.13
C TYR A 204 -6.50 18.75 -21.02
N PRO A 205 -7.70 19.14 -21.50
CA PRO A 205 -7.80 20.33 -22.34
C PRO A 205 -7.34 21.56 -21.56
N ARG A 206 -7.75 21.63 -20.29
CA ARG A 206 -7.37 22.75 -19.46
C ARG A 206 -5.88 22.79 -19.15
N MET A 207 -5.27 21.61 -18.98
CA MET A 207 -3.84 21.53 -18.68
C MET A 207 -3.03 21.91 -19.93
N VAL A 208 -3.49 21.50 -21.11
CA VAL A 208 -2.79 21.86 -22.35
C VAL A 208 -2.75 23.38 -22.41
N GLU A 209 -3.90 24.00 -22.20
CA GLU A 209 -4.01 25.45 -22.19
C GLU A 209 -3.08 26.05 -21.15
N LEU A 210 -2.96 25.39 -20.00
CA LEU A 210 -2.11 25.90 -18.92
C LEU A 210 -0.62 25.75 -19.21
N ALA A 211 -0.23 24.67 -19.90
CA ALA A 211 1.17 24.41 -20.23
C ALA A 211 1.70 25.44 -21.20
N ARG A 212 0.81 25.94 -22.06
CA ARG A 212 1.17 26.94 -23.05
C ARG A 212 1.24 28.30 -22.35
N GLU A 213 0.31 28.53 -21.44
CA GLU A 213 0.27 29.78 -20.71
C GLU A 213 1.49 29.95 -19.79
N MET A 214 1.88 28.88 -19.10
CA MET A 214 3.02 28.94 -18.17
C MET A 214 4.36 28.54 -18.79
N LYS A 215 4.35 28.27 -20.09
CA LYS A 215 5.55 27.88 -20.81
C LYS A 215 6.66 28.92 -20.69
N ASP A 216 6.30 30.14 -20.30
CA ASP A 216 7.29 31.21 -20.18
C ASP A 216 7.43 31.79 -18.78
N TYR A 217 6.91 31.08 -17.78
CA TYR A 217 7.00 31.54 -16.40
C TYR A 217 8.44 31.37 -15.92
N SER A 218 8.79 32.09 -14.85
CA SER A 218 10.14 32.01 -14.30
C SER A 218 10.18 30.86 -13.30
N ARG A 219 11.34 30.22 -13.17
CA ARG A 219 11.49 29.14 -12.22
C ARG A 219 11.11 29.67 -10.85
N GLU A 220 11.28 30.98 -10.66
CA GLU A 220 10.90 31.57 -9.39
C GLU A 220 9.39 31.35 -9.24
N GLU A 221 8.63 31.77 -10.25
CA GLU A 221 7.19 31.62 -10.20
C GLU A 221 6.80 30.14 -10.10
N LEU A 222 7.29 29.33 -11.04
CA LEU A 222 6.98 27.90 -11.06
C LEU A 222 7.30 27.20 -9.73
N LEU A 223 8.46 27.51 -9.14
CA LEU A 223 8.84 26.89 -7.88
C LEU A 223 7.97 27.39 -6.75
N LYS A 224 7.45 28.59 -6.91
CA LYS A 224 6.58 29.17 -5.89
C LYS A 224 5.27 28.40 -5.92
N ILE A 225 4.70 28.27 -7.12
CA ILE A 225 3.45 27.55 -7.30
C ILE A 225 3.55 26.14 -6.74
N VAL A 226 4.59 25.43 -7.15
CA VAL A 226 4.78 24.06 -6.68
C VAL A 226 5.08 24.04 -5.19
N GLY A 227 6.02 24.88 -4.78
CA GLY A 227 6.39 24.93 -3.38
C GLY A 227 5.21 25.15 -2.46
N GLU A 228 4.29 26.04 -2.86
CA GLU A 228 3.12 26.35 -2.05
C GLU A 228 1.85 25.66 -2.51
N TYR A 229 1.87 24.33 -2.57
CA TYR A 229 0.71 23.55 -2.97
C TYR A 229 0.50 22.47 -1.93
N ASP A 230 -0.73 22.33 -1.44
CA ASP A 230 -1.01 21.33 -0.43
C ASP A 230 -2.04 20.36 -0.96
N ASN A 231 -1.63 19.13 -1.23
CA ASN A 231 -2.54 18.14 -1.78
C ASN A 231 -3.62 17.71 -0.79
N GLY A 232 -3.25 17.61 0.47
CA GLY A 232 -4.21 17.22 1.50
C GLY A 232 -5.29 18.28 1.58
N LYS A 233 -4.87 19.54 1.58
CA LYS A 233 -5.79 20.67 1.65
C LYS A 233 -6.73 20.67 0.45
N THR A 234 -6.19 20.35 -0.72
CA THR A 234 -6.98 20.32 -1.92
C THR A 234 -8.03 19.20 -1.83
N LEU A 235 -7.63 18.00 -1.40
CA LEU A 235 -8.59 16.92 -1.30
C LEU A 235 -9.70 17.28 -0.30
N SER A 236 -9.34 17.84 0.84
CA SER A 236 -10.35 18.25 1.80
C SER A 236 -11.26 19.35 1.21
N ASP A 237 -10.69 20.29 0.45
CA ASP A 237 -11.50 21.35 -0.17
C ASP A 237 -12.45 20.79 -1.22
N VAL A 238 -12.06 19.68 -1.85
CA VAL A 238 -12.92 19.04 -2.83
C VAL A 238 -14.09 18.42 -2.07
N LEU A 239 -13.79 17.70 -1.01
CA LEU A 239 -14.81 17.06 -0.20
C LEU A 239 -15.77 18.10 0.39
N LEU A 240 -15.22 19.23 0.86
CA LEU A 240 -16.09 20.28 1.43
C LEU A 240 -17.04 20.80 0.37
N HIS A 241 -16.55 20.96 -0.86
CA HIS A 241 -17.40 21.45 -1.94
C HIS A 241 -18.54 20.48 -2.21
N ILE A 242 -18.24 19.19 -2.19
CA ILE A 242 -19.25 18.17 -2.43
C ILE A 242 -20.26 18.14 -1.29
N ARG A 243 -19.76 18.16 -0.06
CA ARG A 243 -20.64 18.11 1.09
C ARG A 243 -21.58 19.33 1.19
N ASP A 244 -21.07 20.53 0.87
CA ASP A 244 -21.93 21.72 0.90
C ASP A 244 -22.94 21.67 -0.25
N ARG A 245 -22.55 21.05 -1.36
CA ARG A 245 -23.42 20.96 -2.53
C ARG A 245 -24.57 20.02 -2.21
N LEU A 246 -24.26 18.91 -1.52
CA LEU A 246 -25.29 17.96 -1.12
C LEU A 246 -26.22 18.67 -0.13
N THR A 247 -25.62 19.42 0.80
CA THR A 247 -26.41 20.17 1.78
C THR A 247 -27.38 21.10 1.03
N ARG A 248 -26.84 21.97 0.19
CA ARG A 248 -27.68 22.91 -0.56
C ARG A 248 -28.82 22.20 -1.29
N LEU A 249 -28.50 21.20 -2.11
CA LEU A 249 -29.52 20.45 -2.84
C LEU A 249 -30.58 19.79 -1.94
N ALA A 250 -30.15 19.24 -0.81
CA ALA A 250 -31.09 18.58 0.09
C ALA A 250 -32.11 19.61 0.59
N GLU A 251 -31.60 20.79 0.99
CA GLU A 251 -32.43 21.89 1.47
C GLU A 251 -33.41 22.39 0.40
N GLU A 252 -32.89 22.65 -0.80
CA GLU A 252 -33.73 23.13 -1.90
C GLU A 252 -34.71 22.06 -2.38
N GLY A 253 -34.29 20.80 -2.31
CA GLY A 253 -35.14 19.71 -2.78
C GLY A 253 -34.78 19.43 -4.23
N ILE A 254 -34.91 18.16 -4.67
CA ILE A 254 -34.57 17.82 -6.05
C ILE A 254 -35.66 17.03 -6.80
N TRP A 255 -36.72 16.64 -6.11
CA TRP A 255 -37.75 15.86 -6.75
C TRP A 255 -38.45 16.60 -7.89
N ARG A 256 -38.46 15.97 -9.07
CA ARG A 256 -39.09 16.55 -10.25
C ARG A 256 -38.37 17.75 -10.87
N ARG A 257 -37.19 18.10 -10.35
CA ARG A 257 -36.42 19.22 -10.90
C ARG A 257 -35.76 18.77 -12.20
N LYS A 258 -35.97 19.54 -13.28
CA LYS A 258 -35.37 19.22 -14.58
C LYS A 258 -33.85 19.31 -14.53
N GLU A 259 -33.34 20.32 -13.84
CA GLU A 259 -31.89 20.52 -13.71
C GLU A 259 -31.49 20.92 -12.29
N LEU A 260 -30.23 20.62 -11.95
CA LEU A 260 -29.69 20.93 -10.62
C LEU A 260 -28.59 22.01 -10.67
N VAL B 2 -14.50 -15.75 -8.55
CA VAL B 2 -14.63 -15.08 -7.23
C VAL B 2 -13.67 -15.71 -6.22
N ASN B 3 -12.39 -15.79 -6.60
CA ASN B 3 -11.39 -16.37 -5.72
C ASN B 3 -10.75 -15.30 -4.86
N ILE B 4 -11.47 -14.92 -3.81
CA ILE B 4 -11.00 -13.91 -2.90
C ILE B 4 -11.44 -14.38 -1.52
N PRO B 5 -10.71 -14.00 -0.47
CA PRO B 5 -11.14 -14.45 0.86
C PRO B 5 -12.56 -13.98 1.11
N LYS B 6 -13.36 -14.80 1.78
CA LYS B 6 -14.74 -14.43 2.07
C LYS B 6 -14.73 -13.16 2.93
N SER B 7 -13.65 -12.95 3.69
CA SER B 7 -13.55 -11.78 4.54
C SER B 7 -13.22 -10.49 3.78
N HIS B 8 -13.01 -10.59 2.47
CA HIS B 8 -12.68 -9.41 1.67
C HIS B 8 -13.82 -8.40 1.78
N PRO B 9 -13.51 -7.15 2.15
CA PRO B 9 -14.54 -6.12 2.30
C PRO B 9 -15.30 -5.83 1.00
N ARG B 10 -14.69 -6.15 -0.15
CA ARG B 10 -15.32 -5.91 -1.45
C ARG B 10 -15.79 -7.23 -2.05
N TYR B 11 -16.06 -8.20 -1.19
CA TYR B 11 -16.47 -9.51 -1.67
C TYR B 11 -17.66 -9.47 -2.62
N TRP B 12 -18.80 -9.02 -2.12
CA TRP B 12 -20.01 -8.99 -2.95
C TRP B 12 -19.93 -8.07 -4.15
N SER B 13 -19.32 -6.91 -3.98
CA SER B 13 -19.18 -5.99 -5.08
C SER B 13 -18.43 -6.68 -6.22
N LEU B 14 -17.33 -7.35 -5.89
CA LEU B 14 -16.53 -8.04 -6.90
C LEU B 14 -17.32 -9.18 -7.56
N TYR B 15 -18.10 -9.88 -6.76
CA TYR B 15 -18.93 -10.98 -7.21
C TYR B 15 -19.93 -10.53 -8.29
N TYR B 16 -20.64 -9.43 -8.05
CA TYR B 16 -21.61 -8.95 -9.03
C TYR B 16 -20.93 -8.33 -10.25
N ARG B 17 -19.72 -7.82 -10.06
CA ARG B 17 -19.01 -7.26 -11.20
C ARG B 17 -18.73 -8.44 -12.16
N GLU B 18 -18.49 -9.63 -11.61
CA GLU B 18 -18.25 -10.80 -12.45
C GLU B 18 -19.55 -11.14 -13.17
N LYS B 19 -20.66 -11.04 -12.44
CA LYS B 19 -21.97 -11.32 -12.99
C LYS B 19 -22.36 -10.38 -14.12
N ILE B 20 -22.05 -9.10 -13.98
CA ILE B 20 -22.42 -8.13 -15.01
C ILE B 20 -21.62 -8.34 -16.28
N ILE B 21 -20.37 -8.77 -16.13
CA ILE B 21 -19.49 -9.01 -17.26
C ILE B 21 -20.00 -10.20 -18.07
N GLU B 22 -20.36 -11.28 -17.40
CA GLU B 22 -20.88 -12.45 -18.08
C GLU B 22 -22.20 -12.09 -18.76
N GLY B 23 -22.92 -11.14 -18.15
CA GLY B 23 -24.19 -10.71 -18.70
C GLY B 23 -23.96 -10.26 -20.13
N MET B 24 -22.93 -9.45 -20.33
CA MET B 24 -22.60 -8.98 -21.67
C MET B 24 -22.06 -10.18 -22.48
N GLU B 25 -21.44 -11.13 -21.79
CA GLU B 25 -20.89 -12.33 -22.41
C GLU B 25 -22.04 -13.20 -22.95
N LYS B 26 -23.18 -13.17 -22.27
CA LYS B 26 -24.34 -13.94 -22.69
C LYS B 26 -25.14 -13.13 -23.72
N GLY B 27 -24.62 -11.96 -24.08
CA GLY B 27 -25.26 -11.11 -25.06
C GLY B 27 -26.55 -10.40 -24.69
N MET B 28 -26.84 -10.26 -23.39
CA MET B 28 -28.06 -9.59 -22.95
C MET B 28 -27.83 -8.25 -22.31
N THR B 29 -26.62 -8.05 -21.77
CA THR B 29 -26.26 -6.82 -21.12
C THR B 29 -25.60 -5.88 -22.13
N ALA B 30 -26.16 -4.68 -22.27
CA ALA B 30 -25.61 -3.70 -23.20
C ALA B 30 -24.28 -3.16 -22.68
N LYS B 31 -23.49 -2.57 -23.56
CA LYS B 31 -22.20 -2.00 -23.16
C LYS B 31 -22.50 -0.82 -22.24
N ALA B 32 -23.55 -0.08 -22.56
CA ALA B 32 -23.96 1.07 -21.76
C ALA B 32 -24.34 0.56 -20.38
N GLY B 33 -24.77 -0.69 -20.34
CA GLY B 33 -25.15 -1.33 -19.09
C GLY B 33 -23.94 -1.54 -18.21
N LEU B 34 -22.78 -1.79 -18.80
CA LEU B 34 -21.57 -1.97 -18.01
C LEU B 34 -21.24 -0.65 -17.36
N ILE B 35 -21.38 0.44 -18.12
CA ILE B 35 -21.12 1.75 -17.57
C ILE B 35 -22.10 2.06 -16.43
N ALA B 36 -23.39 1.84 -16.67
CA ALA B 36 -24.39 2.09 -15.64
C ALA B 36 -24.04 1.29 -14.39
N HIS B 37 -23.51 0.08 -14.58
CA HIS B 37 -23.12 -0.73 -13.42
C HIS B 37 -22.05 -0.07 -12.54
N GLY B 38 -21.10 0.61 -13.18
CA GLY B 38 -20.04 1.29 -12.44
C GLY B 38 -20.62 2.49 -11.70
N ARG B 39 -21.60 3.15 -12.30
CA ARG B 39 -22.24 4.29 -11.62
C ARG B 39 -22.86 3.74 -10.34
N GLY B 40 -23.51 2.58 -10.46
CA GLY B 40 -24.09 1.94 -9.30
C GLY B 40 -23.04 1.61 -8.24
N GLU B 41 -21.95 0.94 -8.65
CA GLU B 41 -20.89 0.57 -7.72
C GLU B 41 -20.40 1.71 -6.84
N ALA B 42 -20.12 2.85 -7.46
CA ALA B 42 -19.63 4.00 -6.70
C ALA B 42 -20.68 4.55 -5.73
N PHE B 43 -21.92 4.70 -6.16
CA PHE B 43 -22.93 5.22 -5.25
C PHE B 43 -23.22 4.22 -4.14
N ASP B 44 -23.17 2.92 -4.47
CA ASP B 44 -23.41 1.89 -3.46
C ASP B 44 -22.31 1.96 -2.40
N TYR B 45 -21.07 2.11 -2.85
CA TYR B 45 -19.95 2.21 -1.92
C TYR B 45 -20.18 3.39 -0.99
N LEU B 46 -20.54 4.54 -1.57
CA LEU B 46 -20.79 5.74 -0.79
C LEU B 46 -21.94 5.57 0.23
N ILE B 47 -22.99 4.89 -0.21
CA ILE B 47 -24.16 4.66 0.62
C ILE B 47 -23.91 3.64 1.73
N GLY B 48 -22.98 2.72 1.51
CA GLY B 48 -22.63 1.72 2.52
C GLY B 48 -22.99 0.29 2.17
N GLU B 49 -23.30 0.06 0.90
CA GLU B 49 -23.66 -1.28 0.44
C GLU B 49 -24.63 -1.97 1.37
N ARG B 50 -25.60 -1.20 1.86
CA ARG B 50 -26.63 -1.73 2.73
C ARG B 50 -27.93 -1.03 2.32
N THR B 51 -29.06 -1.59 2.71
CA THR B 51 -30.33 -0.98 2.40
C THR B 51 -30.52 0.10 3.45
N ILE B 52 -30.39 1.37 3.08
CA ILE B 52 -30.58 2.42 4.10
C ILE B 52 -32.07 2.63 4.39
N GLU B 53 -32.33 3.44 5.40
CA GLU B 53 -33.69 3.72 5.83
C GLU B 53 -34.54 4.35 4.73
N PRO B 54 -34.02 5.38 4.04
CA PRO B 54 -34.80 6.01 2.98
C PRO B 54 -35.24 4.99 1.93
N ALA B 55 -34.42 3.95 1.73
CA ALA B 55 -34.74 2.92 0.75
C ALA B 55 -35.85 1.97 1.24
N GLU B 56 -35.75 1.52 2.49
CA GLU B 56 -36.77 0.63 3.06
C GLU B 56 -38.12 1.35 2.96
N ARG B 57 -38.11 2.63 3.26
CA ARG B 57 -39.32 3.45 3.19
C ARG B 57 -39.93 3.39 1.78
N ALA B 58 -39.12 3.69 0.77
CA ALA B 58 -39.60 3.67 -0.61
C ALA B 58 -40.11 2.32 -1.05
N MET B 59 -39.47 1.25 -0.58
CA MET B 59 -39.92 -0.08 -0.97
C MET B 59 -41.27 -0.42 -0.35
N ARG B 60 -41.52 0.07 0.85
CA ARG B 60 -42.79 -0.18 1.53
C ARG B 60 -43.95 0.41 0.72
N ALA B 61 -43.81 1.68 0.36
CA ALA B 61 -44.81 2.38 -0.42
C ALA B 61 -44.98 1.74 -1.79
N ALA B 62 -43.88 1.33 -2.38
CA ALA B 62 -43.93 0.71 -3.70
C ALA B 62 -44.69 -0.61 -3.67
N VAL B 63 -44.39 -1.45 -2.69
CA VAL B 63 -45.10 -2.74 -2.61
C VAL B 63 -46.58 -2.49 -2.38
N ALA B 64 -46.89 -1.52 -1.52
CA ALA B 64 -48.27 -1.17 -1.23
C ALA B 64 -48.89 -0.72 -2.53
N LYS B 65 -48.22 0.21 -3.21
CA LYS B 65 -48.73 0.71 -4.47
C LYS B 65 -48.97 -0.40 -5.49
N PHE B 66 -48.06 -1.36 -5.58
CA PHE B 66 -48.24 -2.44 -6.56
C PHE B 66 -49.41 -3.33 -6.23
N LEU B 67 -49.56 -3.65 -4.95
CA LEU B 67 -50.67 -4.50 -4.49
C LEU B 67 -52.04 -3.96 -4.91
N LEU B 68 -52.14 -2.63 -5.05
CA LEU B 68 -53.40 -1.97 -5.44
C LEU B 68 -53.51 -1.75 -6.95
N ALA B 69 -52.41 -1.93 -7.66
CA ALA B 69 -52.40 -1.75 -9.09
C ALA B 69 -53.46 -2.62 -9.75
N GLU B 70 -54.04 -2.11 -10.82
CA GLU B 70 -55.07 -2.83 -11.55
C GLU B 70 -54.40 -3.63 -12.66
N HIS B 71 -53.22 -3.18 -13.05
CA HIS B 71 -52.41 -3.82 -14.07
C HIS B 71 -50.97 -3.46 -13.79
N PRO B 72 -50.38 -4.07 -12.75
CA PRO B 72 -48.99 -3.77 -12.40
C PRO B 72 -48.07 -4.47 -13.37
N VAL B 73 -46.97 -3.81 -13.73
CA VAL B 73 -46.01 -4.40 -14.65
C VAL B 73 -44.59 -4.17 -14.13
N ILE B 74 -43.71 -5.15 -14.36
CA ILE B 74 -42.33 -5.05 -13.93
C ILE B 74 -41.48 -5.11 -15.16
N SER B 75 -40.63 -4.10 -15.33
CA SER B 75 -39.75 -4.02 -16.50
C SER B 75 -38.44 -4.75 -16.25
N VAL B 76 -37.96 -5.43 -17.28
CA VAL B 76 -36.70 -6.16 -17.17
C VAL B 76 -35.74 -5.77 -18.29
N ASN B 77 -34.51 -5.45 -17.93
CA ASN B 77 -33.52 -5.09 -18.95
C ASN B 77 -32.26 -5.95 -18.83
N GLY B 78 -31.23 -5.63 -19.61
CA GLY B 78 -30.00 -6.39 -19.60
C GLY B 78 -29.30 -6.54 -18.25
N ASN B 79 -29.35 -5.50 -17.42
CA ASN B 79 -28.71 -5.57 -16.12
C ASN B 79 -29.53 -6.46 -15.17
N VAL B 80 -30.84 -6.24 -15.15
CA VAL B 80 -31.71 -7.04 -14.28
C VAL B 80 -31.52 -8.51 -14.61
N ALA B 81 -31.47 -8.82 -15.91
CA ALA B 81 -31.32 -10.19 -16.37
C ALA B 81 -29.99 -10.80 -15.95
N ALA B 82 -28.95 -9.99 -15.84
CA ALA B 82 -27.65 -10.53 -15.42
C ALA B 82 -27.49 -10.62 -13.90
N LEU B 83 -28.12 -9.72 -13.16
CA LEU B 83 -27.94 -9.70 -11.71
C LEU B 83 -29.01 -10.36 -10.85
N VAL B 84 -30.28 -10.23 -11.23
CA VAL B 84 -31.37 -10.82 -10.44
C VAL B 84 -32.43 -11.46 -11.32
N PRO B 85 -32.02 -12.30 -12.29
CA PRO B 85 -32.97 -12.94 -13.19
C PRO B 85 -34.04 -13.79 -12.50
N LYS B 86 -33.65 -14.45 -11.41
CA LYS B 86 -34.60 -15.29 -10.69
C LYS B 86 -35.44 -14.41 -9.77
N GLU B 87 -34.79 -13.47 -9.10
CA GLU B 87 -35.49 -12.58 -8.16
C GLU B 87 -36.54 -11.67 -8.78
N THR B 88 -36.40 -11.39 -10.08
CA THR B 88 -37.35 -10.54 -10.75
C THR B 88 -38.57 -11.38 -11.12
N ILE B 89 -38.36 -12.67 -11.35
CA ILE B 89 -39.48 -13.55 -11.64
C ILE B 89 -40.29 -13.70 -10.36
N GLU B 90 -39.59 -13.73 -9.24
CA GLU B 90 -40.20 -13.87 -7.92
C GLU B 90 -41.04 -12.66 -7.56
N LEU B 91 -40.44 -11.47 -7.66
CA LEU B 91 -41.13 -10.24 -7.33
C LEU B 91 -42.38 -10.10 -8.21
N ALA B 92 -42.30 -10.56 -9.45
CA ALA B 92 -43.41 -10.52 -10.40
C ALA B 92 -44.55 -11.47 -10.04
N LYS B 93 -44.21 -12.59 -9.41
CA LYS B 93 -45.24 -13.55 -9.01
C LYS B 93 -45.85 -13.04 -7.71
N ALA B 94 -45.00 -12.54 -6.83
CA ALA B 94 -45.39 -12.02 -5.53
C ALA B 94 -46.31 -10.81 -5.56
N LEU B 95 -46.27 -10.05 -6.65
CA LEU B 95 -47.11 -8.87 -6.80
C LEU B 95 -48.13 -9.10 -7.90
N ASN B 96 -48.21 -10.35 -8.35
CA ASN B 96 -49.12 -10.71 -9.43
C ASN B 96 -49.00 -9.67 -10.54
N ALA B 97 -47.77 -9.45 -11.00
CA ALA B 97 -47.51 -8.48 -12.06
C ALA B 97 -46.94 -9.15 -13.30
N LYS B 98 -47.23 -8.58 -14.46
CA LYS B 98 -46.70 -9.17 -15.69
C LYS B 98 -45.22 -8.79 -15.78
N LEU B 99 -44.49 -9.49 -16.65
CA LEU B 99 -43.08 -9.22 -16.87
C LEU B 99 -42.90 -8.75 -18.30
N GLU B 100 -42.20 -7.64 -18.47
CA GLU B 100 -41.97 -7.14 -19.81
C GLU B 100 -40.50 -6.85 -20.06
N ILE B 101 -39.99 -7.36 -21.17
CA ILE B 101 -38.61 -7.10 -21.52
C ILE B 101 -38.67 -5.75 -22.22
N ASN B 102 -38.02 -4.77 -21.61
CA ASN B 102 -38.01 -3.43 -22.14
C ASN B 102 -36.55 -2.98 -22.25
N LEU B 103 -36.07 -2.83 -23.47
CA LEU B 103 -34.69 -2.41 -23.72
C LEU B 103 -34.64 -1.08 -24.44
N PHE B 104 -33.69 -0.23 -24.05
CA PHE B 104 -33.49 1.07 -24.69
C PHE B 104 -32.98 0.73 -26.09
N TYR B 105 -32.12 -0.29 -26.15
CA TYR B 105 -31.54 -0.75 -27.40
C TYR B 105 -31.99 -2.18 -27.69
N ARG B 106 -33.12 -2.32 -28.38
CA ARG B 106 -33.69 -3.63 -28.72
C ARG B 106 -33.02 -4.30 -29.92
N THR B 107 -32.90 -5.62 -29.84
CA THR B 107 -32.32 -6.42 -30.91
C THR B 107 -32.92 -7.81 -30.79
N GLU B 108 -32.99 -8.55 -31.90
CA GLU B 108 -33.55 -9.90 -31.89
C GLU B 108 -32.81 -10.80 -30.90
N GLU B 109 -31.49 -10.60 -30.80
CA GLU B 109 -30.67 -11.39 -29.89
C GLU B 109 -30.91 -11.04 -28.43
N ARG B 110 -30.80 -9.75 -28.10
CA ARG B 110 -30.98 -9.28 -26.73
C ARG B 110 -32.27 -9.82 -26.10
N VAL B 111 -33.40 -9.57 -26.77
CA VAL B 111 -34.68 -10.03 -26.26
C VAL B 111 -34.69 -11.55 -26.06
N ARG B 112 -34.30 -12.28 -27.11
CA ARG B 112 -34.27 -13.73 -27.05
C ARG B 112 -33.39 -14.18 -25.88
N THR B 113 -32.15 -13.71 -25.85
CA THR B 113 -31.24 -14.10 -24.79
C THR B 113 -31.82 -13.82 -23.39
N ILE B 114 -32.42 -12.65 -23.20
CA ILE B 114 -32.98 -12.32 -21.89
C ILE B 114 -34.16 -13.22 -21.53
N ALA B 115 -35.05 -13.44 -22.50
CA ALA B 115 -36.20 -14.29 -22.26
C ALA B 115 -35.66 -15.67 -21.91
N GLU B 116 -34.63 -16.12 -22.64
CA GLU B 116 -34.03 -17.42 -22.37
C GLU B 116 -33.48 -17.45 -20.94
N GLU B 117 -32.75 -16.41 -20.54
CA GLU B 117 -32.18 -16.37 -19.18
C GLU B 117 -33.26 -16.47 -18.09
N LEU B 118 -34.41 -15.86 -18.34
CA LEU B 118 -35.50 -15.89 -17.37
C LEU B 118 -36.14 -17.28 -17.37
N ARG B 119 -36.17 -17.92 -18.53
CA ARG B 119 -36.76 -19.25 -18.66
C ARG B 119 -35.87 -20.30 -17.99
N LYS B 120 -34.71 -19.87 -17.49
CA LYS B 120 -33.78 -20.77 -16.81
C LYS B 120 -34.20 -20.92 -15.35
N TYR B 121 -35.11 -20.06 -14.92
CA TYR B 121 -35.59 -20.08 -13.55
C TYR B 121 -37.10 -20.31 -13.56
N ASP B 122 -37.65 -20.37 -14.77
CA ASP B 122 -39.07 -20.61 -14.97
C ASP B 122 -39.34 -20.67 -16.47
N PRO B 123 -39.40 -21.88 -17.03
CA PRO B 123 -39.65 -22.06 -18.46
C PRO B 123 -41.12 -21.86 -18.83
N GLU B 124 -41.94 -21.50 -17.85
CA GLU B 124 -43.37 -21.31 -18.07
C GLU B 124 -43.88 -19.87 -17.88
N ILE B 125 -43.14 -19.07 -17.10
CA ILE B 125 -43.55 -17.70 -16.82
C ILE B 125 -43.97 -16.85 -18.02
N GLU B 126 -44.95 -15.99 -17.80
CA GLU B 126 -45.44 -15.09 -18.86
C GLU B 126 -44.44 -13.95 -19.06
N ILE B 127 -43.89 -13.82 -20.27
CA ILE B 127 -42.92 -12.78 -20.59
C ILE B 127 -43.34 -11.91 -21.78
N LEU B 128 -43.70 -10.67 -21.50
CA LEU B 128 -44.12 -9.73 -22.55
C LEU B 128 -42.94 -9.00 -23.20
N GLY B 129 -43.25 -8.00 -24.00
CA GLY B 129 -42.21 -7.23 -24.66
C GLY B 129 -41.47 -8.00 -25.73
N ILE B 130 -41.95 -9.20 -26.04
CA ILE B 130 -41.31 -10.02 -27.05
C ILE B 130 -41.66 -9.42 -28.39
N ASN B 131 -42.96 -9.18 -28.59
CA ASN B 131 -43.48 -8.59 -29.81
C ASN B 131 -44.16 -7.27 -29.42
N PRO B 132 -43.37 -6.18 -29.31
CA PRO B 132 -43.91 -4.86 -28.94
C PRO B 132 -44.55 -4.10 -30.10
N THR B 133 -45.84 -3.81 -29.95
CA THR B 133 -46.58 -3.10 -30.98
C THR B 133 -46.84 -1.64 -30.62
N LYS B 134 -46.89 -1.32 -29.32
CA LYS B 134 -47.14 0.05 -28.90
C LYS B 134 -45.90 0.93 -28.71
N ARG B 135 -46.14 2.24 -28.58
CA ARG B 135 -45.05 3.20 -28.42
C ARG B 135 -45.32 4.21 -27.31
N ILE B 136 -44.28 4.50 -26.54
CA ILE B 136 -44.37 5.47 -25.46
C ILE B 136 -44.24 6.85 -26.13
N PRO B 137 -45.25 7.71 -25.97
CA PRO B 137 -45.15 9.03 -26.60
C PRO B 137 -43.90 9.81 -26.18
N GLY B 138 -43.33 10.53 -27.13
CA GLY B 138 -42.18 11.37 -26.85
C GLY B 138 -40.80 10.74 -27.01
N LEU B 139 -40.75 9.43 -27.23
CA LEU B 139 -39.47 8.77 -27.39
C LEU B 139 -39.21 8.34 -28.81
N GLU B 140 -37.94 8.19 -29.15
CA GLU B 140 -37.55 7.74 -30.48
C GLU B 140 -38.13 6.33 -30.63
N HIS B 141 -38.74 6.07 -31.78
CA HIS B 141 -39.39 4.79 -32.10
C HIS B 141 -38.81 3.52 -31.45
N GLU B 142 -37.52 3.30 -31.61
CA GLU B 142 -36.86 2.12 -31.07
C GLU B 142 -36.78 2.06 -29.54
N ARG B 143 -36.65 3.23 -28.92
CA ARG B 143 -36.53 3.32 -27.47
C ARG B 143 -37.85 3.32 -26.70
N GLY B 144 -38.95 3.63 -27.38
CA GLY B 144 -40.23 3.69 -26.70
C GLY B 144 -41.16 2.50 -26.90
N LYS B 145 -40.61 1.40 -27.40
CA LYS B 145 -41.41 0.20 -27.64
C LYS B 145 -41.98 -0.44 -26.37
N VAL B 146 -43.30 -0.62 -26.35
CA VAL B 146 -43.95 -1.27 -25.22
C VAL B 146 -44.95 -2.30 -25.76
N ASP B 147 -45.32 -3.24 -24.91
CA ASP B 147 -46.22 -4.33 -25.29
C ASP B 147 -47.68 -3.95 -25.04
N GLU B 148 -48.50 -4.09 -26.08
CA GLU B 148 -49.92 -3.75 -25.98
C GLU B 148 -50.52 -4.20 -24.66
N ASN B 149 -50.15 -5.40 -24.22
CA ASN B 149 -50.68 -5.93 -22.97
C ASN B 149 -49.86 -5.75 -21.69
N GLY B 150 -48.68 -5.15 -21.81
CA GLY B 150 -47.85 -4.96 -20.64
C GLY B 150 -47.90 -3.54 -20.10
N ILE B 151 -46.82 -2.80 -20.33
CA ILE B 151 -46.70 -1.43 -19.86
C ILE B 151 -47.75 -0.51 -20.49
N TRP B 152 -48.01 -0.71 -21.78
CA TRP B 152 -48.99 0.10 -22.49
C TRP B 152 -50.31 0.24 -21.73
N LYS B 153 -50.67 -0.79 -20.97
CA LYS B 153 -51.93 -0.75 -20.24
C LYS B 153 -51.78 -0.61 -18.75
N ALA B 154 -50.54 -0.62 -18.26
CA ALA B 154 -50.27 -0.53 -16.83
C ALA B 154 -50.61 0.81 -16.17
N ASP B 155 -50.87 0.76 -14.87
CA ASP B 155 -51.15 1.97 -14.10
C ASP B 155 -49.97 2.23 -13.19
N VAL B 156 -49.29 1.16 -12.78
CA VAL B 156 -48.11 1.28 -11.92
C VAL B 156 -47.02 0.42 -12.58
N VAL B 157 -45.85 1.01 -12.78
CA VAL B 157 -44.77 0.29 -13.45
C VAL B 157 -43.44 0.40 -12.69
N LEU B 158 -42.68 -0.70 -12.71
CA LEU B 158 -41.39 -0.74 -12.05
C LEU B 158 -40.36 -0.78 -13.17
N VAL B 159 -39.56 0.27 -13.24
CA VAL B 159 -38.52 0.38 -14.25
C VAL B 159 -37.22 0.59 -13.49
N PRO B 160 -36.45 -0.49 -13.27
CA PRO B 160 -35.18 -0.44 -12.55
C PRO B 160 -34.01 -0.07 -13.44
N LEU B 161 -33.06 0.69 -12.89
CA LEU B 161 -31.89 1.12 -13.66
C LEU B 161 -32.30 1.67 -15.01
N GLU B 162 -33.22 2.64 -15.00
CA GLU B 162 -33.75 3.22 -16.23
C GLU B 162 -33.17 4.57 -16.62
N ASP B 163 -33.19 4.84 -17.93
CA ASP B 163 -32.72 6.11 -18.51
C ASP B 163 -33.77 7.19 -18.18
N GLY B 164 -33.29 8.37 -17.82
CA GLY B 164 -34.19 9.44 -17.44
C GLY B 164 -35.25 9.87 -18.42
N ASP B 165 -34.95 9.79 -19.72
CA ASP B 165 -35.95 10.21 -20.69
C ASP B 165 -37.17 9.32 -20.68
N ARG B 166 -36.96 8.03 -20.49
CA ARG B 166 -38.07 7.08 -20.48
C ARG B 166 -38.91 7.22 -19.22
N THR B 167 -38.25 7.34 -18.08
CA THR B 167 -38.98 7.49 -16.82
C THR B 167 -39.91 8.69 -16.95
N GLU B 168 -39.34 9.79 -17.40
CA GLU B 168 -40.10 11.02 -17.58
C GLU B 168 -41.26 10.82 -18.56
N ALA B 169 -41.00 10.17 -19.69
CA ALA B 169 -42.01 9.92 -20.71
C ALA B 169 -43.15 9.04 -20.17
N LEU B 170 -42.79 8.06 -19.33
CA LEU B 170 -43.81 7.16 -18.74
C LEU B 170 -44.69 7.96 -17.78
N VAL B 171 -44.07 8.81 -16.96
CA VAL B 171 -44.84 9.64 -16.04
C VAL B 171 -45.78 10.56 -16.86
N ARG B 172 -45.26 11.13 -17.95
CA ARG B 172 -46.07 12.02 -18.80
C ARG B 172 -47.26 11.33 -19.46
N MET B 173 -47.15 10.03 -19.75
CA MET B 173 -48.28 9.35 -20.38
C MET B 173 -49.25 8.81 -19.35
N GLY B 174 -49.10 9.28 -18.11
CA GLY B 174 -50.01 8.89 -17.05
C GLY B 174 -49.75 7.59 -16.29
N LYS B 175 -48.53 7.08 -16.32
CA LYS B 175 -48.22 5.87 -15.58
C LYS B 175 -47.59 6.30 -14.26
N PHE B 176 -47.83 5.54 -13.19
CA PHE B 176 -47.24 5.84 -11.90
C PHE B 176 -45.94 5.01 -11.90
N VAL B 177 -44.80 5.71 -11.84
CA VAL B 177 -43.51 5.06 -11.95
C VAL B 177 -42.64 4.82 -10.72
N VAL B 178 -42.25 3.57 -10.51
CA VAL B 178 -41.38 3.22 -9.41
C VAL B 178 -40.06 2.81 -10.05
N THR B 179 -38.97 3.27 -9.48
CA THR B 179 -37.68 2.85 -10.00
C THR B 179 -36.70 2.46 -8.88
N VAL B 180 -35.76 1.59 -9.24
CA VAL B 180 -34.70 1.23 -8.30
C VAL B 180 -33.48 1.87 -8.96
N ASP B 181 -32.80 2.75 -8.24
CA ASP B 181 -31.66 3.44 -8.81
C ASP B 181 -30.70 3.97 -7.74
N LEU B 182 -29.47 3.44 -7.76
CA LEU B 182 -28.47 3.87 -6.79
C LEU B 182 -28.02 5.31 -6.90
N ASN B 183 -28.34 5.97 -8.02
CA ASN B 183 -27.95 7.38 -8.23
C ASN B 183 -29.10 8.35 -7.96
N PRO B 184 -29.15 8.93 -6.76
CA PRO B 184 -30.25 9.86 -6.45
C PRO B 184 -30.23 11.15 -7.24
N LEU B 185 -29.14 11.45 -7.94
CA LEU B 185 -29.06 12.71 -8.71
C LEU B 185 -29.34 12.54 -10.20
N SER B 186 -29.64 11.33 -10.63
CA SER B 186 -29.92 11.10 -12.03
C SER B 186 -31.34 11.59 -12.36
N ARG B 187 -31.59 11.93 -13.63
CA ARG B 187 -32.91 12.39 -14.07
C ARG B 187 -34.01 11.41 -13.69
N SER B 188 -33.75 10.12 -13.91
CA SER B 188 -34.73 9.08 -13.61
C SER B 188 -35.13 9.09 -12.14
N ALA B 189 -34.14 9.16 -11.25
CA ALA B 189 -34.36 9.18 -9.81
C ALA B 189 -35.18 10.39 -9.39
N ARG B 190 -34.98 11.51 -10.06
CA ARG B 190 -35.69 12.75 -9.76
C ARG B 190 -37.08 12.82 -10.40
N MET B 191 -37.29 12.03 -11.44
CA MET B 191 -38.57 12.01 -12.17
C MET B 191 -39.58 10.94 -11.77
N ALA B 192 -39.10 9.89 -11.11
CA ALA B 192 -39.95 8.78 -10.65
C ALA B 192 -40.87 9.18 -9.48
N ASP B 193 -42.03 8.55 -9.39
CA ASP B 193 -42.97 8.83 -8.31
C ASP B 193 -42.42 8.24 -7.00
N ILE B 194 -41.78 7.07 -7.09
CA ILE B 194 -41.15 6.42 -5.95
C ILE B 194 -39.75 6.03 -6.39
N THR B 195 -38.75 6.53 -5.68
CA THR B 195 -37.35 6.26 -5.99
C THR B 195 -36.70 5.44 -4.87
N ILE B 196 -36.36 4.20 -5.21
CA ILE B 196 -35.69 3.35 -4.26
C ILE B 196 -34.18 3.42 -4.50
N VAL B 197 -33.46 4.08 -3.63
CA VAL B 197 -32.01 4.18 -3.79
C VAL B 197 -31.30 3.06 -3.01
N ASP B 198 -31.18 1.90 -3.66
CA ASP B 198 -30.58 0.71 -3.07
C ASP B 198 -30.15 -0.16 -4.24
N ASN B 199 -29.19 -1.02 -4.01
CA ASN B 199 -28.74 -1.90 -5.06
C ASN B 199 -29.90 -2.84 -5.34
N ILE B 200 -30.14 -3.12 -6.61
CA ILE B 200 -31.23 -4.01 -6.97
C ILE B 200 -31.07 -5.43 -6.39
N VAL B 201 -29.83 -5.88 -6.17
CA VAL B 201 -29.62 -7.23 -5.61
C VAL B 201 -30.19 -7.35 -4.20
N ARG B 202 -30.34 -6.21 -3.51
CA ARG B 202 -30.88 -6.21 -2.15
C ARG B 202 -32.35 -5.80 -2.18
N ALA B 203 -32.66 -4.82 -3.02
CA ALA B 203 -34.00 -4.31 -3.15
C ALA B 203 -35.04 -5.33 -3.61
N TYR B 204 -34.70 -6.18 -4.58
CA TYR B 204 -35.65 -7.14 -5.08
C TYR B 204 -36.04 -8.25 -4.11
N PRO B 205 -35.06 -8.80 -3.38
CA PRO B 205 -35.48 -9.85 -2.45
C PRO B 205 -36.16 -9.16 -1.26
N ARG B 206 -35.75 -7.94 -0.96
CA ARG B 206 -36.35 -7.22 0.16
C ARG B 206 -37.80 -6.90 -0.11
N MET B 207 -38.13 -6.59 -1.35
CA MET B 207 -39.50 -6.27 -1.71
C MET B 207 -40.35 -7.54 -1.75
N VAL B 208 -39.77 -8.65 -2.18
CA VAL B 208 -40.50 -9.90 -2.21
C VAL B 208 -40.87 -10.23 -0.76
N GLU B 209 -40.04 -9.78 0.17
CA GLU B 209 -40.28 -10.00 1.60
C GLU B 209 -41.47 -9.15 2.03
N LEU B 210 -41.37 -7.86 1.75
CA LEU B 210 -42.42 -6.91 2.10
C LEU B 210 -43.76 -7.35 1.55
N ALA B 211 -43.78 -7.90 0.34
CA ALA B 211 -45.02 -8.33 -0.27
C ALA B 211 -45.66 -9.46 0.56
N ARG B 212 -44.83 -10.18 1.30
CA ARG B 212 -45.30 -11.28 2.14
C ARG B 212 -45.78 -10.68 3.46
N GLU B 213 -45.00 -9.75 3.96
CA GLU B 213 -45.29 -9.06 5.22
C GLU B 213 -46.51 -8.14 5.07
N MET B 214 -46.96 -7.95 3.84
CA MET B 214 -48.10 -7.08 3.58
C MET B 214 -49.19 -7.81 2.80
N LYS B 215 -48.98 -9.11 2.59
CA LYS B 215 -49.90 -9.95 1.84
C LYS B 215 -51.35 -9.83 2.32
N ASP B 216 -51.54 -9.78 3.64
CA ASP B 216 -52.87 -9.68 4.21
C ASP B 216 -53.27 -8.28 4.66
N TYR B 217 -52.62 -7.27 4.10
CA TYR B 217 -52.95 -5.89 4.45
C TYR B 217 -54.28 -5.52 3.83
N SER B 218 -54.97 -4.57 4.46
CA SER B 218 -56.28 -4.11 3.98
C SER B 218 -56.07 -3.00 2.96
N ARG B 219 -56.93 -2.95 1.93
CA ARG B 219 -56.83 -1.92 0.92
C ARG B 219 -56.81 -0.55 1.58
N GLU B 220 -57.22 -0.50 2.84
CA GLU B 220 -57.24 0.74 3.60
C GLU B 220 -55.84 0.99 4.16
N GLU B 221 -55.21 -0.05 4.69
CA GLU B 221 -53.87 0.09 5.25
C GLU B 221 -52.90 0.52 4.13
N LEU B 222 -52.99 -0.18 3.00
CA LEU B 222 -52.15 0.12 1.83
C LEU B 222 -52.37 1.56 1.35
N LEU B 223 -53.64 1.97 1.24
CA LEU B 223 -53.94 3.34 0.81
C LEU B 223 -53.35 4.37 1.77
N LYS B 224 -53.24 3.99 3.04
CA LYS B 224 -52.69 4.89 4.06
C LYS B 224 -51.19 5.03 3.81
N ILE B 225 -50.54 3.90 3.51
CA ILE B 225 -49.11 3.85 3.24
C ILE B 225 -48.76 4.71 2.03
N VAL B 226 -49.18 4.24 0.86
CA VAL B 226 -48.94 4.91 -0.40
C VAL B 226 -49.51 6.31 -0.40
N GLY B 227 -50.13 6.71 0.71
CA GLY B 227 -50.70 8.03 0.77
C GLY B 227 -49.87 9.01 1.57
N GLU B 228 -49.04 8.47 2.45
CA GLU B 228 -48.20 9.31 3.30
C GLU B 228 -46.78 9.44 2.75
N TYR B 229 -46.51 8.82 1.61
CA TYR B 229 -45.18 8.84 1.03
C TYR B 229 -44.78 10.11 0.26
N ASP B 230 -43.66 10.70 0.67
CA ASP B 230 -43.12 11.90 0.05
C ASP B 230 -41.75 11.56 -0.57
N ASN B 231 -41.71 11.46 -1.90
CA ASN B 231 -40.47 11.11 -2.59
C ASN B 231 -39.43 12.21 -2.49
N GLY B 232 -39.89 13.44 -2.28
CA GLY B 232 -39.00 14.57 -2.15
C GLY B 232 -38.14 14.52 -0.91
N LYS B 233 -38.78 14.26 0.24
CA LYS B 233 -38.06 14.16 1.51
C LYS B 233 -37.16 12.91 1.47
N THR B 234 -37.64 11.85 0.81
CA THR B 234 -36.87 10.62 0.70
C THR B 234 -35.56 10.86 -0.08
N LEU B 235 -35.62 11.70 -1.12
CA LEU B 235 -34.42 11.98 -1.89
C LEU B 235 -33.48 12.88 -1.10
N SER B 236 -34.02 13.89 -0.43
CA SER B 236 -33.20 14.78 0.37
C SER B 236 -32.47 14.04 1.47
N ASP B 237 -33.13 13.05 2.06
CA ASP B 237 -32.52 12.26 3.13
C ASP B 237 -31.39 11.40 2.56
N VAL B 238 -31.59 10.86 1.36
CA VAL B 238 -30.54 10.06 0.75
C VAL B 238 -29.32 10.96 0.55
N LEU B 239 -29.53 12.16 0.00
CA LEU B 239 -28.43 13.09 -0.20
C LEU B 239 -27.68 13.41 1.09
N LEU B 240 -28.45 13.59 2.18
CA LEU B 240 -27.85 13.93 3.46
C LEU B 240 -27.07 12.76 4.01
N HIS B 241 -27.58 11.55 3.75
CA HIS B 241 -26.93 10.33 4.18
C HIS B 241 -25.55 10.25 3.49
N ILE B 242 -25.54 10.41 2.16
CA ILE B 242 -24.29 10.36 1.43
C ILE B 242 -23.33 11.41 1.96
N ARG B 243 -23.85 12.60 2.26
CA ARG B 243 -23.02 13.67 2.80
C ARG B 243 -22.34 13.26 4.11
N ASP B 244 -23.09 12.61 4.99
CA ASP B 244 -22.56 12.16 6.29
C ASP B 244 -21.63 10.98 6.09
N ARG B 245 -21.94 10.14 5.11
CA ARG B 245 -21.10 8.99 4.82
C ARG B 245 -19.73 9.52 4.39
N LEU B 246 -19.72 10.61 3.62
CA LEU B 246 -18.49 11.23 3.13
C LEU B 246 -17.60 11.79 4.23
N THR B 247 -18.23 12.42 5.22
CA THR B 247 -17.51 12.98 6.34
C THR B 247 -16.71 11.92 7.09
N ARG B 248 -17.27 10.72 7.20
CA ARG B 248 -16.59 9.65 7.92
C ARG B 248 -15.60 8.87 7.05
N LEU B 249 -15.96 8.64 5.79
CA LEU B 249 -15.08 7.92 4.88
C LEU B 249 -13.75 8.65 4.79
N ALA B 250 -13.78 9.97 4.99
CA ALA B 250 -12.57 10.78 4.93
C ALA B 250 -11.64 10.54 6.12
N GLU B 251 -12.20 10.53 7.32
CA GLU B 251 -11.40 10.33 8.53
C GLU B 251 -11.01 8.86 8.70
N GLU B 252 -10.93 8.12 7.60
CA GLU B 252 -10.57 6.70 7.66
C GLU B 252 -9.78 6.23 6.43
N GLY B 253 -9.33 4.98 6.49
CA GLY B 253 -8.57 4.42 5.38
C GLY B 253 -7.09 4.78 5.44
N ILE B 254 -6.45 4.86 4.28
CA ILE B 254 -5.04 5.21 4.22
C ILE B 254 -4.80 6.67 3.84
N TRP B 255 -3.87 7.29 4.56
CA TRP B 255 -3.54 8.69 4.34
C TRP B 255 -2.05 8.82 4.13
N ARG B 256 -1.67 9.87 3.42
CA ARG B 256 -0.27 10.14 3.13
C ARG B 256 0.00 11.63 3.30
N ARG B 257 1.07 11.97 4.03
CA ARG B 257 1.43 13.37 4.24
C ARG B 257 2.88 13.52 4.68
N VAL C 2 27.59 -19.44 23.14
CA VAL C 2 28.19 -18.10 23.34
C VAL C 2 29.38 -18.17 24.31
N ASN C 3 30.54 -17.72 23.84
CA ASN C 3 31.75 -17.71 24.65
C ASN C 3 31.70 -16.51 25.61
N ILE C 4 30.69 -16.52 26.49
CA ILE C 4 30.50 -15.45 27.45
C ILE C 4 29.63 -15.94 28.60
N PRO C 5 29.94 -15.52 29.85
CA PRO C 5 29.16 -15.95 31.01
C PRO C 5 27.67 -15.64 30.91
N LYS C 6 26.86 -16.45 31.58
CA LYS C 6 25.40 -16.31 31.57
C LYS C 6 24.96 -15.00 32.21
N SER C 7 25.83 -14.43 33.04
CA SER C 7 25.53 -13.19 33.74
C SER C 7 25.90 -11.97 32.90
N HIS C 8 26.87 -12.15 31.99
CA HIS C 8 27.32 -11.06 31.14
C HIS C 8 26.11 -10.34 30.53
N PRO C 9 26.10 -9.00 30.59
CA PRO C 9 25.00 -8.20 30.05
C PRO C 9 24.66 -8.41 28.57
N ARG C 10 25.64 -8.80 27.77
CA ARG C 10 25.40 -9.03 26.35
C ARG C 10 25.19 -10.52 26.05
N TYR C 11 24.92 -11.31 27.09
CA TYR C 11 24.72 -12.74 26.90
C TYR C 11 23.53 -13.07 26.00
N TRP C 12 22.34 -12.62 26.39
CA TRP C 12 21.13 -12.87 25.63
C TRP C 12 21.23 -12.32 24.19
N SER C 13 21.86 -11.16 24.05
CA SER C 13 22.06 -10.56 22.74
C SER C 13 22.87 -11.54 21.86
N LEU C 14 23.99 -12.03 22.38
CA LEU C 14 24.83 -12.94 21.62
C LEU C 14 24.21 -14.32 21.45
N TYR C 15 23.42 -14.73 22.43
CA TYR C 15 22.75 -16.03 22.38
C TYR C 15 21.83 -16.07 21.16
N TYR C 16 20.98 -15.06 21.01
CA TYR C 16 20.05 -15.03 19.88
C TYR C 16 20.71 -14.86 18.51
N ARG C 17 21.84 -14.16 18.45
CA ARG C 17 22.56 -14.04 17.18
C ARG C 17 23.06 -15.45 16.83
N GLU C 18 23.49 -16.20 17.85
CA GLU C 18 23.96 -17.56 17.65
C GLU C 18 22.79 -18.42 17.17
N LYS C 19 21.62 -18.19 17.74
CA LYS C 19 20.43 -18.94 17.36
C LYS C 19 20.02 -18.63 15.92
N ILE C 20 20.16 -17.36 15.53
CA ILE C 20 19.81 -16.95 14.18
C ILE C 20 20.84 -17.49 13.18
N ILE C 21 22.10 -17.58 13.60
CA ILE C 21 23.14 -18.10 12.73
C ILE C 21 22.93 -19.60 12.55
N GLU C 22 22.50 -20.26 13.61
CA GLU C 22 22.23 -21.69 13.58
C GLU C 22 20.98 -21.99 12.75
N GLY C 23 20.04 -21.04 12.74
CA GLY C 23 18.82 -21.23 11.96
C GLY C 23 19.17 -21.28 10.48
N MET C 24 20.08 -20.42 10.04
CA MET C 24 20.51 -20.41 8.65
C MET C 24 21.29 -21.70 8.32
N GLU C 25 22.19 -22.10 9.23
CA GLU C 25 22.97 -23.32 9.00
C GLU C 25 22.06 -24.54 8.95
N LYS C 26 20.90 -24.45 9.60
CA LYS C 26 19.93 -25.55 9.58
C LYS C 26 19.07 -25.52 8.32
N GLY C 27 19.21 -24.45 7.52
CA GLY C 27 18.41 -24.33 6.31
C GLY C 27 17.07 -23.63 6.47
N MET C 28 16.76 -23.18 7.69
CA MET C 28 15.49 -22.49 7.93
C MET C 28 15.57 -21.00 7.64
N THR C 29 16.64 -20.37 8.10
CA THR C 29 16.81 -18.93 7.98
C THR C 29 17.59 -18.48 6.76
N ALA C 30 17.07 -17.49 6.06
CA ALA C 30 17.71 -16.97 4.86
C ALA C 30 18.74 -15.88 5.16
N LYS C 31 19.69 -15.70 4.23
CA LYS C 31 20.73 -14.69 4.36
C LYS C 31 20.11 -13.34 4.71
N ALA C 32 19.02 -13.03 4.04
CA ALA C 32 18.28 -11.78 4.26
C ALA C 32 17.75 -11.73 5.70
N GLY C 33 17.49 -12.90 6.25
CA GLY C 33 16.99 -13.01 7.62
C GLY C 33 18.04 -12.59 8.62
N LEU C 34 19.31 -12.85 8.33
CA LEU C 34 20.38 -12.45 9.24
C LEU C 34 20.47 -10.92 9.29
N ILE C 35 20.34 -10.30 8.12
CA ILE C 35 20.37 -8.86 8.01
C ILE C 35 19.17 -8.25 8.75
N ALA C 36 18.00 -8.86 8.57
CA ALA C 36 16.79 -8.41 9.23
C ALA C 36 16.95 -8.55 10.76
N HIS C 37 17.62 -9.60 11.22
CA HIS C 37 17.81 -9.78 12.66
C HIS C 37 18.60 -8.55 13.14
N GLY C 38 19.61 -8.17 12.37
CA GLY C 38 20.40 -6.99 12.67
C GLY C 38 19.56 -5.74 12.77
N ARG C 39 18.66 -5.52 11.81
CA ARG C 39 17.80 -4.35 11.84
C ARG C 39 16.97 -4.36 13.12
N GLY C 40 16.45 -5.53 13.51
CA GLY C 40 15.69 -5.58 14.75
C GLY C 40 16.58 -5.20 15.95
N GLU C 41 17.75 -5.81 16.00
CA GLU C 41 18.70 -5.57 17.09
C GLU C 41 18.96 -4.08 17.22
N ALA C 42 19.04 -3.39 16.08
CA ALA C 42 19.30 -1.96 16.13
C ALA C 42 18.17 -1.21 16.83
N PHE C 43 16.91 -1.51 16.51
CA PHE C 43 15.81 -0.84 17.16
C PHE C 43 15.65 -1.24 18.63
N ASP C 44 16.15 -2.41 18.98
CA ASP C 44 16.08 -2.87 20.36
C ASP C 44 17.05 -2.04 21.17
N TYR C 45 18.18 -1.70 20.57
CA TYR C 45 19.17 -0.85 21.23
C TYR C 45 18.49 0.49 21.57
N LEU C 46 17.71 1.02 20.64
CA LEU C 46 17.03 2.30 20.83
C LEU C 46 15.93 2.25 21.88
N ILE C 47 15.29 1.10 21.99
CA ILE C 47 14.21 0.94 22.94
C ILE C 47 14.73 0.71 24.35
N GLY C 48 15.85 0.02 24.46
CA GLY C 48 16.38 -0.28 25.78
C GLY C 48 16.40 -1.78 26.06
N GLU C 49 16.12 -2.57 25.02
CA GLU C 49 16.14 -4.01 25.11
C GLU C 49 15.29 -4.56 26.25
N ARG C 50 14.05 -4.08 26.32
CA ARG C 50 13.10 -4.51 27.33
C ARG C 50 11.71 -4.35 26.77
N THR C 51 10.74 -4.97 27.41
CA THR C 51 9.36 -4.84 27.00
C THR C 51 8.85 -3.55 27.67
N ILE C 52 8.44 -2.57 26.88
CA ILE C 52 7.91 -1.32 27.46
C ILE C 52 6.38 -1.41 27.56
N GLU C 53 5.79 -0.61 28.43
CA GLU C 53 4.33 -0.63 28.63
C GLU C 53 3.47 -0.62 27.37
N PRO C 54 3.80 0.22 26.39
CA PRO C 54 3.00 0.25 25.16
C PRO C 54 3.00 -1.12 24.47
N ALA C 55 4.08 -1.88 24.66
CA ALA C 55 4.21 -3.22 24.09
C ALA C 55 3.32 -4.16 24.92
N GLU C 56 3.38 -4.03 26.24
CA GLU C 56 2.56 -4.86 27.14
C GLU C 56 1.08 -4.65 26.82
N ARG C 57 0.69 -3.40 26.58
CA ARG C 57 -0.69 -3.04 26.27
C ARG C 57 -1.16 -3.68 24.95
N ALA C 58 -0.27 -3.66 23.96
CA ALA C 58 -0.62 -4.25 22.68
C ALA C 58 -0.72 -5.78 22.82
N MET C 59 0.15 -6.38 23.61
CA MET C 59 0.08 -7.83 23.78
C MET C 59 -1.20 -8.28 24.47
N ARG C 60 -1.63 -7.50 25.46
CA ARG C 60 -2.86 -7.85 26.18
C ARG C 60 -4.03 -7.81 25.22
N ALA C 61 -4.07 -6.80 24.37
CA ALA C 61 -5.15 -6.67 23.41
C ALA C 61 -5.07 -7.77 22.34
N ALA C 62 -3.85 -8.12 21.94
CA ALA C 62 -3.67 -9.14 20.93
C ALA C 62 -4.15 -10.49 21.50
N VAL C 63 -3.73 -10.81 22.71
CA VAL C 63 -4.15 -12.07 23.32
C VAL C 63 -5.66 -12.13 23.43
N ALA C 64 -6.29 -11.01 23.82
CA ALA C 64 -7.74 -10.95 23.94
C ALA C 64 -8.43 -11.20 22.60
N LYS C 65 -7.92 -10.59 21.54
CA LYS C 65 -8.47 -10.73 20.19
C LYS C 65 -8.32 -12.17 19.70
N PHE C 66 -7.19 -12.80 19.98
CA PHE C 66 -6.99 -14.18 19.57
C PHE C 66 -7.90 -15.12 20.37
N LEU C 67 -8.16 -14.81 21.64
CA LEU C 67 -9.04 -15.66 22.44
C LEU C 67 -10.48 -15.55 21.95
N LEU C 68 -10.81 -14.40 21.39
CA LEU C 68 -12.14 -14.13 20.86
C LEU C 68 -12.32 -14.53 19.39
N ALA C 69 -11.24 -14.86 18.70
CA ALA C 69 -11.30 -15.21 17.28
C ALA C 69 -11.95 -16.55 16.92
N GLU C 70 -12.56 -16.60 15.73
CA GLU C 70 -13.20 -17.81 15.19
C GLU C 70 -12.15 -18.69 14.53
N HIS C 71 -11.34 -18.10 13.66
CA HIS C 71 -10.29 -18.83 12.94
C HIS C 71 -8.93 -18.14 13.03
N PRO C 72 -8.34 -18.13 14.24
CA PRO C 72 -7.03 -17.49 14.39
C PRO C 72 -5.89 -18.30 13.82
N VAL C 73 -4.94 -17.62 13.15
CA VAL C 73 -3.79 -18.30 12.62
C VAL C 73 -2.48 -17.59 12.97
N ILE C 74 -1.49 -18.39 13.38
CA ILE C 74 -0.18 -17.86 13.70
C ILE C 74 0.75 -18.23 12.53
N SER C 75 1.33 -17.21 11.90
CA SER C 75 2.24 -17.42 10.78
C SER C 75 3.67 -17.56 11.28
N VAL C 76 4.46 -18.43 10.63
CA VAL C 76 5.85 -18.69 10.97
C VAL C 76 6.81 -18.54 9.78
N ASN C 77 7.88 -17.77 9.94
CA ASN C 77 8.86 -17.61 8.87
C ASN C 77 10.22 -18.12 9.37
N GLY C 78 11.27 -17.92 8.55
CA GLY C 78 12.60 -18.39 8.92
C GLY C 78 13.21 -17.83 10.20
N ASN C 79 13.00 -16.54 10.47
CA ASN C 79 13.55 -15.96 11.69
C ASN C 79 12.83 -16.48 12.92
N VAL C 80 11.51 -16.52 12.86
CA VAL C 80 10.68 -16.99 13.96
C VAL C 80 11.01 -18.43 14.34
N ALA C 81 11.22 -19.24 13.31
CA ALA C 81 11.56 -20.64 13.48
C ALA C 81 12.88 -20.79 14.20
N ALA C 82 13.83 -19.90 13.92
CA ALA C 82 15.15 -19.95 14.54
C ALA C 82 15.21 -19.35 15.94
N LEU C 83 14.31 -18.41 16.21
CA LEU C 83 14.31 -17.74 17.51
C LEU C 83 13.37 -18.26 18.58
N VAL C 84 12.11 -18.46 18.22
CA VAL C 84 11.12 -18.89 19.18
C VAL C 84 10.22 -20.03 18.78
N PRO C 85 10.81 -21.12 18.29
CA PRO C 85 9.97 -22.26 17.89
C PRO C 85 9.13 -22.84 19.03
N LYS C 86 9.70 -22.92 20.22
CA LYS C 86 8.95 -23.49 21.35
C LYS C 86 7.79 -22.59 21.72
N GLU C 87 8.07 -21.29 21.88
CA GLU C 87 7.02 -20.34 22.25
C GLU C 87 5.91 -20.27 21.21
N THR C 88 6.29 -20.36 19.94
CA THR C 88 5.34 -20.34 18.86
C THR C 88 4.32 -21.47 19.09
N ILE C 89 4.84 -22.68 19.36
CA ILE C 89 3.95 -23.82 19.61
C ILE C 89 3.10 -23.57 20.86
N GLU C 90 3.70 -23.11 21.94
CA GLU C 90 2.93 -22.86 23.17
C GLU C 90 1.85 -21.82 22.92
N LEU C 91 2.21 -20.77 22.19
CA LEU C 91 1.27 -19.70 21.93
C LEU C 91 0.09 -20.18 21.07
N ALA C 92 0.36 -21.04 20.09
CA ALA C 92 -0.70 -21.56 19.23
C ALA C 92 -1.64 -22.45 20.05
N LYS C 93 -1.08 -23.17 21.02
CA LYS C 93 -1.90 -24.05 21.84
C LYS C 93 -2.76 -23.21 22.77
N ALA C 94 -2.13 -22.24 23.43
CA ALA C 94 -2.84 -21.37 24.37
C ALA C 94 -3.90 -20.50 23.70
N LEU C 95 -3.68 -20.19 22.42
CA LEU C 95 -4.62 -19.37 21.68
C LEU C 95 -5.53 -20.23 20.81
N ASN C 96 -5.20 -21.52 20.73
CA ASN C 96 -5.98 -22.47 19.93
C ASN C 96 -6.01 -21.93 18.50
N ALA C 97 -4.82 -21.72 17.95
CA ALA C 97 -4.68 -21.19 16.60
C ALA C 97 -3.90 -22.19 15.79
N LYS C 98 -4.12 -22.21 14.49
CA LYS C 98 -3.39 -23.11 13.62
C LYS C 98 -2.05 -22.42 13.31
N LEU C 99 -1.05 -23.19 12.89
CA LEU C 99 0.24 -22.63 12.54
C LEU C 99 0.43 -22.75 11.04
N GLU C 100 0.90 -21.68 10.43
CA GLU C 100 1.14 -21.71 9.00
C GLU C 100 2.52 -21.18 8.65
N ILE C 101 3.29 -22.01 7.97
CA ILE C 101 4.61 -21.61 7.50
C ILE C 101 4.27 -20.65 6.36
N ASN C 102 4.83 -19.45 6.40
CA ASN C 102 4.55 -18.49 5.35
C ASN C 102 5.80 -17.65 5.08
N LEU C 103 6.41 -17.91 3.94
CA LEU C 103 7.63 -17.22 3.54
C LEU C 103 7.35 -16.58 2.19
N PHE C 104 8.04 -15.49 1.90
CA PHE C 104 7.87 -14.85 0.61
C PHE C 104 8.91 -15.49 -0.34
N TYR C 105 9.86 -16.21 0.24
CA TYR C 105 10.90 -16.90 -0.52
C TYR C 105 10.95 -18.35 -0.04
N ARG C 106 10.00 -19.16 -0.51
CA ARG C 106 9.95 -20.54 -0.08
C ARG C 106 10.63 -21.54 -1.00
N THR C 107 11.25 -22.53 -0.39
CA THR C 107 11.90 -23.62 -1.09
C THR C 107 11.45 -24.85 -0.34
N GLU C 108 11.63 -26.02 -0.92
CA GLU C 108 11.23 -27.23 -0.22
C GLU C 108 12.10 -27.44 1.01
N GLU C 109 13.37 -27.05 0.91
CA GLU C 109 14.29 -27.21 2.04
C GLU C 109 13.94 -26.25 3.18
N ARG C 110 13.69 -24.99 2.87
CA ARG C 110 13.35 -24.03 3.91
C ARG C 110 12.05 -24.44 4.60
N VAL C 111 11.04 -24.80 3.82
CA VAL C 111 9.77 -25.21 4.36
C VAL C 111 9.88 -26.49 5.20
N ARG C 112 10.61 -27.48 4.69
CA ARG C 112 10.78 -28.75 5.40
C ARG C 112 11.50 -28.58 6.74
N THR C 113 12.64 -27.89 6.72
CA THR C 113 13.42 -27.67 7.93
C THR C 113 12.68 -26.86 8.99
N ILE C 114 11.80 -25.97 8.56
CA ILE C 114 11.05 -25.18 9.50
C ILE C 114 9.96 -26.07 10.10
N ALA C 115 9.35 -26.92 9.26
CA ALA C 115 8.31 -27.81 9.72
C ALA C 115 8.86 -28.81 10.76
N GLU C 116 10.11 -29.24 10.56
CA GLU C 116 10.72 -30.18 11.48
C GLU C 116 11.04 -29.53 12.82
N GLU C 117 11.44 -28.25 12.78
CA GLU C 117 11.75 -27.51 14.00
C GLU C 117 10.50 -27.42 14.86
N LEU C 118 9.36 -27.18 14.21
CA LEU C 118 8.12 -27.07 14.94
C LEU C 118 7.68 -28.41 15.50
N ARG C 119 7.83 -29.46 14.70
CA ARG C 119 7.48 -30.83 15.11
C ARG C 119 8.35 -31.25 16.28
N LYS C 120 9.57 -30.72 16.30
CA LYS C 120 10.49 -31.02 17.38
C LYS C 120 9.86 -30.62 18.72
N TYR C 121 9.15 -29.49 18.72
CA TYR C 121 8.53 -28.97 19.95
C TYR C 121 7.09 -29.46 20.13
N ASP C 122 6.49 -29.93 19.05
CA ASP C 122 5.15 -30.51 19.12
C ASP C 122 5.05 -31.57 18.02
N PRO C 123 5.49 -32.80 18.32
CA PRO C 123 5.43 -33.89 17.32
C PRO C 123 4.02 -34.10 16.72
N GLU C 124 2.99 -33.60 17.40
CA GLU C 124 1.61 -33.77 16.92
C GLU C 124 0.94 -32.64 16.13
N ILE C 125 1.35 -31.39 16.31
CA ILE C 125 0.68 -30.30 15.58
C ILE C 125 0.55 -30.52 14.08
N GLU C 126 -0.59 -30.10 13.54
CA GLU C 126 -0.83 -30.19 12.10
C GLU C 126 -0.36 -28.83 11.61
N ILE C 127 0.64 -28.83 10.74
CA ILE C 127 1.22 -27.59 10.21
C ILE C 127 0.74 -27.22 8.81
N LEU C 128 0.23 -26.01 8.67
CA LEU C 128 -0.26 -25.54 7.37
C LEU C 128 0.84 -24.84 6.60
N GLY C 129 0.55 -24.53 5.34
CA GLY C 129 1.49 -23.81 4.50
C GLY C 129 2.60 -24.65 3.88
N ILE C 130 2.47 -25.97 3.93
CA ILE C 130 3.47 -26.85 3.32
C ILE C 130 3.30 -26.78 1.80
N ASN C 131 2.04 -26.86 1.37
CA ASN C 131 1.68 -26.77 -0.04
C ASN C 131 0.49 -25.80 -0.15
N PRO C 132 0.74 -24.48 -0.01
CA PRO C 132 -0.33 -23.48 -0.09
C PRO C 132 -0.90 -23.36 -1.52
N THR C 133 -2.22 -23.39 -1.64
CA THR C 133 -2.83 -23.31 -2.97
C THR C 133 -3.43 -21.95 -3.28
N LYS C 134 -3.63 -21.11 -2.27
CA LYS C 134 -4.22 -19.82 -2.55
C LYS C 134 -3.21 -18.69 -2.69
N ARG C 135 -3.67 -17.57 -3.23
CA ARG C 135 -2.79 -16.45 -3.42
C ARG C 135 -3.40 -15.13 -3.00
N ILE C 136 -2.67 -14.38 -2.20
CA ILE C 136 -3.08 -13.08 -1.72
C ILE C 136 -2.97 -12.12 -2.90
N PRO C 137 -4.09 -11.52 -3.31
CA PRO C 137 -4.01 -10.60 -4.45
C PRO C 137 -3.31 -9.29 -4.08
N GLY C 138 -2.59 -8.71 -5.04
CA GLY C 138 -1.90 -7.47 -4.79
C GLY C 138 -0.44 -7.61 -4.41
N LEU C 139 0.11 -8.80 -4.63
CA LEU C 139 1.52 -9.07 -4.33
C LEU C 139 2.11 -9.93 -5.44
N GLU C 140 3.42 -9.81 -5.67
CA GLU C 140 4.09 -10.64 -6.68
C GLU C 140 3.70 -12.09 -6.35
N HIS C 141 3.26 -12.84 -7.34
CA HIS C 141 2.85 -14.23 -7.15
C HIS C 141 3.58 -14.99 -6.03
N GLU C 142 4.90 -15.10 -6.14
CA GLU C 142 5.69 -15.83 -5.15
C GLU C 142 5.75 -15.25 -3.75
N ARG C 143 5.13 -14.09 -3.56
CA ARG C 143 5.12 -13.45 -2.25
C ARG C 143 3.79 -13.55 -1.53
N GLY C 144 2.76 -13.99 -2.23
CA GLY C 144 1.44 -14.08 -1.62
C GLY C 144 0.76 -15.42 -1.50
N LYS C 145 1.53 -16.51 -1.58
CA LYS C 145 0.94 -17.83 -1.47
C LYS C 145 0.51 -18.09 -0.03
N VAL C 146 -0.74 -18.44 0.18
CA VAL C 146 -1.22 -18.73 1.53
C VAL C 146 -1.99 -20.02 1.51
N ASP C 147 -2.13 -20.63 2.68
CA ASP C 147 -2.84 -21.89 2.80
C ASP C 147 -4.35 -21.64 2.88
N GLU C 148 -5.09 -22.32 2.02
CA GLU C 148 -6.54 -22.21 1.94
C GLU C 148 -7.23 -22.51 3.27
N ASN C 149 -6.62 -23.35 4.09
CA ASN C 149 -7.23 -23.69 5.38
C ASN C 149 -6.57 -22.92 6.51
N GLY C 150 -5.66 -22.04 6.15
CA GLY C 150 -4.97 -21.25 7.15
C GLY C 150 -5.32 -19.79 6.94
N ILE C 151 -4.31 -18.98 6.63
CA ILE C 151 -4.52 -17.55 6.43
C ILE C 151 -5.72 -17.18 5.54
N TRP C 152 -5.92 -17.92 4.45
CA TRP C 152 -7.03 -17.65 3.52
C TRP C 152 -8.40 -17.50 4.20
N LYS C 153 -8.73 -18.41 5.11
CA LYS C 153 -10.03 -18.36 5.77
C LYS C 153 -9.97 -17.77 7.19
N ALA C 154 -8.81 -17.28 7.60
CA ALA C 154 -8.64 -16.75 8.94
C ALA C 154 -9.33 -15.41 9.14
N ASP C 155 -9.61 -15.09 10.39
CA ASP C 155 -10.21 -13.81 10.73
C ASP C 155 -9.14 -12.98 11.43
N VAL C 156 -8.37 -13.62 12.28
CA VAL C 156 -7.29 -12.97 13.01
C VAL C 156 -5.97 -13.65 12.67
N VAL C 157 -4.98 -12.85 12.28
CA VAL C 157 -3.69 -13.40 11.91
C VAL C 157 -2.50 -12.72 12.59
N LEU C 158 -1.57 -13.53 13.06
CA LEU C 158 -0.36 -13.01 13.68
C LEU C 158 0.78 -13.24 12.68
N VAL C 159 1.33 -12.14 12.17
CA VAL C 159 2.45 -12.19 11.24
C VAL C 159 3.61 -11.35 11.76
N PRO C 160 4.46 -11.94 12.61
CA PRO C 160 5.62 -11.27 13.20
C PRO C 160 6.77 -11.12 12.19
N LEU C 161 7.63 -10.13 12.42
CA LEU C 161 8.79 -9.90 11.53
C LEU C 161 8.38 -10.05 10.07
N GLU C 162 7.35 -9.32 9.68
CA GLU C 162 6.84 -9.41 8.32
C GLU C 162 7.15 -8.21 7.45
N ASP C 163 7.28 -8.44 6.15
CA ASP C 163 7.54 -7.34 5.24
C ASP C 163 6.23 -6.57 5.10
N GLY C 164 6.36 -5.25 5.02
CA GLY C 164 5.21 -4.36 4.93
C GLY C 164 4.12 -4.63 3.90
N ASP C 165 4.52 -5.01 2.70
CA ASP C 165 3.53 -5.27 1.66
C ASP C 165 2.60 -6.44 2.03
N ARG C 166 3.16 -7.50 2.61
CA ARG C 166 2.35 -8.65 2.98
C ARG C 166 1.38 -8.28 4.10
N THR C 167 1.87 -7.53 5.09
CA THR C 167 1.01 -7.11 6.19
C THR C 167 -0.20 -6.36 5.65
N GLU C 168 0.07 -5.37 4.81
CA GLU C 168 -0.99 -4.55 4.24
C GLU C 168 -1.94 -5.36 3.35
N ALA C 169 -1.40 -6.21 2.49
CA ALA C 169 -2.22 -7.03 1.62
C ALA C 169 -3.24 -7.80 2.46
N LEU C 170 -2.80 -8.28 3.63
CA LEU C 170 -3.68 -9.05 4.52
C LEU C 170 -4.82 -8.20 5.08
N VAL C 171 -4.50 -6.96 5.46
CA VAL C 171 -5.51 -6.05 5.97
C VAL C 171 -6.53 -5.75 4.85
N ARG C 172 -6.04 -5.53 3.62
CA ARG C 172 -6.94 -5.23 2.50
C ARG C 172 -7.81 -6.43 2.12
N MET C 173 -7.44 -7.60 2.60
CA MET C 173 -8.23 -8.80 2.35
C MET C 173 -9.27 -8.97 3.44
N GLY C 174 -9.26 -8.05 4.39
CA GLY C 174 -10.21 -8.12 5.49
C GLY C 174 -9.74 -8.86 6.73
N LYS C 175 -8.47 -9.24 6.77
CA LYS C 175 -7.97 -9.94 7.95
C LYS C 175 -7.58 -8.95 9.05
N PHE C 176 -7.79 -9.34 10.30
CA PHE C 176 -7.41 -8.48 11.43
C PHE C 176 -6.00 -8.94 11.72
N VAL C 177 -5.04 -8.06 11.46
CA VAL C 177 -3.64 -8.37 11.60
C VAL C 177 -2.87 -7.85 12.79
N VAL C 178 -2.21 -8.78 13.49
CA VAL C 178 -1.37 -8.49 14.63
C VAL C 178 0.07 -8.75 14.20
N THR C 179 0.98 -7.84 14.52
CA THR C 179 2.37 -8.09 14.22
C THR C 179 3.23 -7.79 15.44
N VAL C 180 4.47 -8.28 15.39
CA VAL C 180 5.48 -8.06 16.42
C VAL C 180 6.60 -7.51 15.56
N ASP C 181 7.03 -6.27 15.80
CA ASP C 181 8.08 -5.64 14.98
C ASP C 181 8.74 -4.56 15.83
N LEU C 182 10.06 -4.65 15.96
CA LEU C 182 10.84 -3.69 16.73
C LEU C 182 10.93 -2.30 16.08
N ASN C 183 10.60 -2.20 14.78
CA ASN C 183 10.63 -0.91 14.07
C ASN C 183 9.22 -0.31 14.01
N PRO C 184 8.94 0.67 14.87
CA PRO C 184 7.61 1.31 14.91
C PRO C 184 7.30 2.19 13.73
N LEU C 185 8.32 2.45 12.91
CA LEU C 185 8.17 3.27 11.71
C LEU C 185 7.97 2.40 10.47
N SER C 186 8.11 1.09 10.60
CA SER C 186 7.95 0.21 9.42
C SER C 186 6.55 0.23 8.82
N ARG C 187 6.45 -0.13 7.55
CA ARG C 187 5.17 -0.16 6.89
C ARG C 187 4.28 -1.20 7.60
N SER C 188 4.89 -2.30 8.01
CA SER C 188 4.19 -3.36 8.71
C SER C 188 3.64 -2.87 10.05
N ALA C 189 4.45 -2.15 10.82
CA ALA C 189 3.99 -1.63 12.11
C ALA C 189 2.80 -0.68 11.94
N ARG C 190 2.87 0.18 10.92
CA ARG C 190 1.82 1.15 10.63
C ARG C 190 0.53 0.60 10.05
N MET C 191 0.64 -0.49 9.29
CA MET C 191 -0.51 -1.09 8.66
C MET C 191 -1.27 -2.11 9.52
N ALA C 192 -0.57 -2.75 10.45
CA ALA C 192 -1.21 -3.75 11.31
C ALA C 192 -2.27 -3.18 12.24
N ASP C 193 -3.30 -3.97 12.58
CA ASP C 193 -4.34 -3.50 13.51
C ASP C 193 -3.84 -3.47 14.95
N ILE C 194 -2.91 -4.35 15.30
CA ILE C 194 -2.31 -4.35 16.64
C ILE C 194 -0.82 -4.53 16.41
N THR C 195 -0.04 -3.54 16.85
CA THR C 195 1.41 -3.62 16.67
C THR C 195 2.16 -3.67 17.97
N ILE C 196 2.83 -4.80 18.17
CA ILE C 196 3.63 -5.08 19.37
C ILE C 196 5.10 -4.72 19.05
N VAL C 197 5.58 -3.62 19.61
CA VAL C 197 6.94 -3.16 19.38
C VAL C 197 7.80 -3.66 20.53
N ASP C 198 8.33 -4.86 20.33
CA ASP C 198 9.13 -5.52 21.34
C ASP C 198 9.85 -6.63 20.58
N ASN C 199 10.94 -7.13 21.13
CA ASN C 199 11.70 -8.21 20.49
C ASN C 199 10.80 -9.44 20.62
N ILE C 200 10.71 -10.25 19.58
CA ILE C 200 9.85 -11.42 19.65
C ILE C 200 10.29 -12.40 20.77
N VAL C 201 11.58 -12.46 21.08
CA VAL C 201 12.07 -13.35 22.13
C VAL C 201 11.52 -12.97 23.53
N ARG C 202 11.01 -11.77 23.66
CA ARG C 202 10.41 -11.33 24.91
C ARG C 202 8.88 -11.36 24.75
N ALA C 203 8.39 -10.91 23.59
CA ALA C 203 6.94 -10.84 23.34
C ALA C 203 6.21 -12.17 23.35
N TYR C 204 6.74 -13.15 22.62
CA TYR C 204 6.07 -14.45 22.60
C TYR C 204 5.93 -15.10 23.98
N PRO C 205 7.03 -15.18 24.75
CA PRO C 205 6.92 -15.78 26.09
C PRO C 205 5.93 -15.00 26.92
N ARG C 206 5.95 -13.68 26.79
CA ARG C 206 4.99 -12.85 27.53
C ARG C 206 3.54 -13.11 27.11
N MET C 207 3.32 -13.30 25.82
CA MET C 207 1.95 -13.52 25.37
C MET C 207 1.48 -14.90 25.80
N VAL C 208 2.42 -15.81 26.00
CA VAL C 208 2.10 -17.16 26.45
C VAL C 208 1.59 -17.03 27.88
N GLU C 209 2.37 -16.34 28.71
CA GLU C 209 1.98 -16.13 30.09
C GLU C 209 0.65 -15.36 30.13
N LEU C 210 0.47 -14.37 29.25
CA LEU C 210 -0.79 -13.61 29.24
C LEU C 210 -2.00 -14.46 28.87
N ALA C 211 -1.81 -15.37 27.93
CA ALA C 211 -2.89 -16.24 27.51
C ALA C 211 -3.30 -17.13 28.68
N ARG C 212 -2.30 -17.58 29.43
CA ARG C 212 -2.49 -18.44 30.59
C ARG C 212 -3.33 -17.74 31.65
N GLU C 213 -3.12 -16.43 31.78
CA GLU C 213 -3.84 -15.63 32.77
C GLU C 213 -5.19 -15.18 32.26
N MET C 214 -5.33 -15.09 30.94
CA MET C 214 -6.59 -14.62 30.38
C MET C 214 -7.52 -15.73 29.88
N LYS C 215 -7.05 -16.96 29.92
CA LYS C 215 -7.85 -18.10 29.46
C LYS C 215 -9.18 -18.22 30.18
N ASP C 216 -9.21 -17.80 31.45
CA ASP C 216 -10.44 -17.89 32.24
C ASP C 216 -11.38 -16.70 32.09
N TYR C 217 -10.98 -15.73 31.26
CA TYR C 217 -11.81 -14.56 31.04
C TYR C 217 -13.06 -14.90 30.24
N SER C 218 -14.13 -14.16 30.49
CA SER C 218 -15.39 -14.35 29.77
C SER C 218 -15.24 -13.54 28.50
N ARG C 219 -16.14 -13.73 27.54
CA ARG C 219 -16.02 -12.96 26.30
C ARG C 219 -16.27 -11.48 26.53
N GLU C 220 -17.09 -11.15 27.52
CA GLU C 220 -17.39 -9.75 27.84
C GLU C 220 -16.13 -9.05 28.34
N GLU C 221 -15.34 -9.77 29.13
CA GLU C 221 -14.11 -9.23 29.68
C GLU C 221 -13.13 -9.00 28.52
N LEU C 222 -12.93 -10.04 27.70
CA LEU C 222 -12.04 -9.95 26.56
C LEU C 222 -12.43 -8.82 25.61
N LEU C 223 -13.72 -8.72 25.32
CA LEU C 223 -14.24 -7.69 24.43
C LEU C 223 -13.99 -6.27 24.90
N LYS C 224 -13.89 -6.09 26.22
CA LYS C 224 -13.64 -4.77 26.77
C LYS C 224 -12.21 -4.37 26.35
N ILE C 225 -11.26 -5.25 26.67
CA ILE C 225 -9.85 -5.03 26.35
C ILE C 225 -9.62 -4.69 24.88
N VAL C 226 -10.14 -5.52 23.97
CA VAL C 226 -9.96 -5.23 22.55
C VAL C 226 -10.68 -3.95 22.16
N GLY C 227 -11.87 -3.75 22.70
CA GLY C 227 -12.63 -2.55 22.39
C GLY C 227 -11.92 -1.24 22.69
N GLU C 228 -11.25 -1.16 23.83
CA GLU C 228 -10.55 0.06 24.22
C GLU C 228 -9.11 0.19 23.75
N TYR C 229 -8.67 -0.69 22.85
CA TYR C 229 -7.31 -0.61 22.35
C TYR C 229 -7.21 0.36 21.18
N ASP C 230 -6.18 1.21 21.21
CA ASP C 230 -5.93 2.22 20.17
C ASP C 230 -4.52 2.00 19.63
N ASN C 231 -4.40 1.37 18.48
CA ASN C 231 -3.07 1.11 17.94
C ASN C 231 -2.24 2.34 17.58
N GLY C 232 -2.89 3.35 17.01
CA GLY C 232 -2.16 4.55 16.64
C GLY C 232 -1.55 5.27 17.85
N LYS C 233 -2.24 5.23 18.98
CA LYS C 233 -1.73 5.90 20.16
C LYS C 233 -0.56 5.09 20.75
N THR C 234 -0.59 3.78 20.52
CA THR C 234 0.47 2.91 21.00
C THR C 234 1.78 3.20 20.27
N LEU C 235 1.71 3.37 18.96
CA LEU C 235 2.90 3.65 18.16
C LEU C 235 3.50 4.99 18.58
N SER C 236 2.65 6.01 18.76
CA SER C 236 3.16 7.29 19.20
C SER C 236 3.78 7.17 20.60
N ASP C 237 3.19 6.35 21.47
CA ASP C 237 3.76 6.18 22.79
C ASP C 237 5.13 5.49 22.68
N VAL C 238 5.26 4.57 21.73
CA VAL C 238 6.52 3.88 21.51
C VAL C 238 7.56 4.92 21.08
N LEU C 239 7.21 5.74 20.09
CA LEU C 239 8.14 6.78 19.60
C LEU C 239 8.48 7.81 20.68
N LEU C 240 7.51 8.17 21.50
CA LEU C 240 7.80 9.13 22.57
C LEU C 240 8.83 8.49 23.52
N HIS C 241 8.61 7.24 23.91
CA HIS C 241 9.52 6.53 24.81
C HIS C 241 10.98 6.55 24.30
N ILE C 242 11.15 6.37 23.00
CA ILE C 242 12.46 6.36 22.39
C ILE C 242 13.06 7.77 22.39
N ARG C 243 12.29 8.74 21.93
CA ARG C 243 12.76 10.12 21.90
C ARG C 243 13.20 10.54 23.31
N ASP C 244 12.33 10.32 24.30
CA ASP C 244 12.71 10.69 25.67
C ASP C 244 13.92 9.90 26.16
N ARG C 245 14.04 8.64 25.77
CA ARG C 245 15.19 7.87 26.19
C ARG C 245 16.48 8.48 25.57
N LEU C 246 16.40 8.88 24.31
CA LEU C 246 17.57 9.44 23.64
C LEU C 246 17.98 10.77 24.30
N THR C 247 16.98 11.53 24.70
CA THR C 247 17.20 12.81 25.37
C THR C 247 17.98 12.57 26.66
N ARG C 248 17.49 11.63 27.47
CA ARG C 248 18.14 11.34 28.74
C ARG C 248 19.58 10.95 28.54
N LEU C 249 19.80 10.00 27.64
CA LEU C 249 21.13 9.51 27.34
C LEU C 249 22.10 10.61 26.85
N ALA C 250 21.63 11.47 25.95
CA ALA C 250 22.48 12.55 25.44
C ALA C 250 22.88 13.47 26.59
N GLU C 251 21.90 13.89 27.39
CA GLU C 251 22.11 14.78 28.53
C GLU C 251 23.05 14.17 29.58
N GLU C 252 22.82 12.92 29.96
CA GLU C 252 23.69 12.27 30.95
C GLU C 252 25.06 11.95 30.37
N GLY C 253 25.12 11.68 29.07
CA GLY C 253 26.38 11.33 28.45
C GLY C 253 26.52 9.81 28.46
N ILE C 254 27.09 9.24 27.41
CA ILE C 254 27.23 7.78 27.33
C ILE C 254 28.67 7.31 27.14
N TRP C 255 29.57 8.24 26.82
CA TRP C 255 30.96 7.87 26.59
C TRP C 255 31.67 7.26 27.80
N ARG C 256 32.30 6.11 27.57
CA ARG C 256 33.04 5.41 28.61
C ARG C 256 32.17 5.06 29.80
N ARG C 257 30.86 4.95 29.57
CA ARG C 257 29.92 4.57 30.63
C ARG C 257 29.76 3.06 30.52
N LYS C 258 29.88 2.36 31.64
CA LYS C 258 29.75 0.90 31.68
C LYS C 258 28.56 0.37 30.85
N GLU C 259 27.34 0.60 31.34
CA GLU C 259 26.13 0.15 30.65
C GLU C 259 25.11 1.28 30.56
N VAL D 2 20.94 -2.41 -7.09
CA VAL D 2 20.10 -3.60 -7.44
C VAL D 2 19.30 -3.26 -8.72
N ASN D 3 18.30 -4.09 -9.04
CA ASN D 3 17.48 -3.82 -10.22
C ASN D 3 16.24 -3.01 -9.81
N ILE D 4 16.45 -1.73 -9.51
CA ILE D 4 15.37 -0.82 -9.12
C ILE D 4 15.67 0.58 -9.64
N PRO D 5 14.64 1.44 -9.78
CA PRO D 5 14.85 2.80 -10.28
C PRO D 5 15.82 3.54 -9.39
N LYS D 6 16.61 4.40 -10.01
CA LYS D 6 17.58 5.18 -9.28
C LYS D 6 16.91 6.15 -8.30
N SER D 7 15.64 6.48 -8.56
CA SER D 7 14.89 7.38 -7.69
C SER D 7 14.45 6.70 -6.40
N HIS D 8 14.58 5.38 -6.36
CA HIS D 8 14.16 4.62 -5.19
C HIS D 8 14.67 5.22 -3.89
N PRO D 9 13.79 5.40 -2.90
CA PRO D 9 14.18 5.98 -1.60
C PRO D 9 15.27 5.24 -0.84
N ARG D 10 15.38 3.92 -1.07
CA ARG D 10 16.39 3.13 -0.39
C ARG D 10 17.33 2.49 -1.39
N TYR D 11 17.60 3.22 -2.47
CA TYR D 11 18.46 2.72 -3.54
C TYR D 11 19.82 2.21 -3.05
N TRP D 12 20.64 3.10 -2.51
CA TRP D 12 21.95 2.70 -2.05
C TRP D 12 21.90 1.65 -0.98
N SER D 13 20.97 1.79 -0.04
CA SER D 13 20.86 0.80 1.01
C SER D 13 20.68 -0.58 0.37
N LEU D 14 19.77 -0.68 -0.60
CA LEU D 14 19.54 -1.96 -1.25
C LEU D 14 20.76 -2.37 -2.07
N TYR D 15 21.44 -1.40 -2.66
CA TYR D 15 22.64 -1.68 -3.44
C TYR D 15 23.69 -2.38 -2.55
N TYR D 16 23.92 -1.82 -1.37
CA TYR D 16 24.90 -2.42 -0.48
C TYR D 16 24.47 -3.73 0.16
N ARG D 17 23.16 -3.95 0.28
CA ARG D 17 22.65 -5.21 0.83
C ARG D 17 23.08 -6.32 -0.16
N GLU D 18 22.94 -6.05 -1.45
CA GLU D 18 23.38 -7.06 -2.44
C GLU D 18 24.86 -7.24 -2.30
N LYS D 19 25.60 -6.14 -2.17
CA LYS D 19 27.04 -6.22 -2.03
C LYS D 19 27.49 -7.09 -0.86
N ILE D 20 26.93 -6.86 0.33
CA ILE D 20 27.36 -7.64 1.49
C ILE D 20 27.04 -9.13 1.34
N ILE D 21 25.91 -9.45 0.72
CA ILE D 21 25.52 -10.85 0.52
C ILE D 21 26.49 -11.53 -0.45
N GLU D 22 26.93 -10.77 -1.44
CA GLU D 22 27.91 -11.28 -2.40
C GLU D 22 29.20 -11.54 -1.63
N GLY D 23 29.49 -10.65 -0.67
CA GLY D 23 30.69 -10.80 0.15
C GLY D 23 30.73 -12.15 0.82
N MET D 24 29.58 -12.59 1.32
CA MET D 24 29.48 -13.86 2.00
C MET D 24 29.56 -15.01 0.99
N GLU D 25 29.00 -14.79 -0.18
CA GLU D 25 29.03 -15.81 -1.21
C GLU D 25 30.49 -15.98 -1.65
N LYS D 26 31.20 -14.86 -1.78
CA LYS D 26 32.60 -14.86 -2.17
C LYS D 26 33.49 -15.44 -1.07
N GLY D 27 32.89 -15.68 0.10
CA GLY D 27 33.62 -16.25 1.21
C GLY D 27 34.38 -15.29 2.12
N MET D 28 34.15 -14.00 1.97
CA MET D 28 34.86 -13.04 2.80
C MET D 28 34.05 -12.64 4.03
N THR D 29 32.76 -12.43 3.82
CA THR D 29 31.83 -11.98 4.87
C THR D 29 31.30 -13.10 5.76
N ALA D 30 31.45 -12.94 7.07
CA ALA D 30 30.95 -13.95 8.03
C ALA D 30 29.44 -13.84 8.25
N LYS D 31 28.83 -14.91 8.75
CA LYS D 31 27.39 -14.88 9.02
C LYS D 31 27.08 -13.80 10.07
N ALA D 32 27.96 -13.66 11.05
CA ALA D 32 27.80 -12.67 12.11
C ALA D 32 27.94 -11.28 11.48
N GLY D 33 28.65 -11.24 10.35
CA GLY D 33 28.86 -10.00 9.64
C GLY D 33 27.60 -9.51 8.93
N LEU D 34 26.74 -10.43 8.50
CA LEU D 34 25.50 -10.02 7.85
C LEU D 34 24.61 -9.37 8.92
N ILE D 35 24.58 -9.97 10.11
CA ILE D 35 23.78 -9.42 11.19
C ILE D 35 24.27 -8.02 11.48
N ALA D 36 25.59 -7.84 11.60
CA ALA D 36 26.16 -6.53 11.85
C ALA D 36 25.75 -5.55 10.74
N HIS D 37 25.67 -6.03 9.49
CA HIS D 37 25.30 -5.14 8.38
C HIS D 37 23.89 -4.60 8.59
N GLY D 38 23.01 -5.45 9.11
CA GLY D 38 21.64 -5.04 9.37
C GLY D 38 21.54 -4.00 10.47
N ARG D 39 22.37 -4.14 11.49
CA ARG D 39 22.36 -3.17 12.58
C ARG D 39 22.76 -1.86 11.93
N GLY D 40 23.70 -1.92 11.00
CA GLY D 40 24.13 -0.72 10.32
C GLY D 40 23.03 -0.09 9.46
N GLU D 41 22.29 -0.92 8.74
CA GLU D 41 21.23 -0.42 7.86
C GLU D 41 20.21 0.40 8.63
N ALA D 42 19.73 -0.19 9.71
CA ALA D 42 18.73 0.46 10.52
C ALA D 42 19.22 1.82 11.02
N PHE D 43 20.37 1.87 11.65
CA PHE D 43 20.86 3.16 12.14
C PHE D 43 21.15 4.14 11.02
N ASP D 44 21.68 3.65 9.90
CA ASP D 44 21.96 4.53 8.78
C ASP D 44 20.65 5.17 8.29
N TYR D 45 19.59 4.38 8.24
CA TYR D 45 18.29 4.88 7.85
C TYR D 45 17.83 5.98 8.80
N LEU D 46 18.05 5.80 10.09
CA LEU D 46 17.63 6.82 11.07
C LEU D 46 18.50 8.07 11.01
N ILE D 47 19.78 7.90 10.70
CA ILE D 47 20.70 9.01 10.61
C ILE D 47 20.47 9.82 9.33
N GLY D 48 20.03 9.15 8.27
CA GLY D 48 19.78 9.81 7.00
C GLY D 48 20.66 9.32 5.85
N GLU D 49 21.43 8.28 6.08
CA GLU D 49 22.31 7.72 5.04
C GLU D 49 23.19 8.76 4.37
N ARG D 50 23.83 9.58 5.20
CA ARG D 50 24.73 10.63 4.75
C ARG D 50 25.74 10.79 5.87
N THR D 51 26.81 11.53 5.59
CA THR D 51 27.81 11.77 6.61
C THR D 51 27.30 13.00 7.33
N ILE D 52 26.96 12.87 8.63
CA ILE D 52 26.47 14.01 9.39
C ILE D 52 27.63 14.79 10.03
N GLU D 53 27.34 15.99 10.50
CA GLU D 53 28.37 16.86 11.09
C GLU D 53 29.25 16.17 12.17
N PRO D 54 28.62 15.50 13.15
CA PRO D 54 29.39 14.83 14.20
C PRO D 54 30.34 13.75 13.67
N ALA D 55 29.99 13.18 12.52
CA ALA D 55 30.82 12.15 11.90
C ALA D 55 32.01 12.85 11.21
N GLU D 56 31.73 13.97 10.54
CA GLU D 56 32.78 14.71 9.85
C GLU D 56 33.78 15.18 10.92
N ARG D 57 33.24 15.71 12.01
CA ARG D 57 34.04 16.20 13.10
C ARG D 57 34.95 15.07 13.60
N ALA D 58 34.36 13.91 13.77
CA ALA D 58 35.10 12.76 14.27
C ALA D 58 36.16 12.27 13.29
N MET D 59 35.85 12.32 11.99
CA MET D 59 36.81 11.84 10.97
C MET D 59 38.01 12.76 10.85
N ARG D 60 37.78 14.06 10.97
CA ARG D 60 38.85 15.03 10.91
C ARG D 60 39.84 14.78 12.05
N ALA D 61 39.32 14.55 13.26
CA ALA D 61 40.16 14.28 14.41
C ALA D 61 40.92 12.96 14.23
N ALA D 62 40.22 11.93 13.76
CA ALA D 62 40.82 10.61 13.55
C ALA D 62 42.02 10.71 12.60
N VAL D 63 41.81 11.36 11.45
CA VAL D 63 42.88 11.53 10.47
C VAL D 63 44.08 12.25 11.09
N ALA D 64 43.81 13.29 11.89
CA ALA D 64 44.89 14.03 12.53
C ALA D 64 45.65 13.11 13.48
N LYS D 65 44.92 12.33 14.28
CA LYS D 65 45.56 11.43 15.23
C LYS D 65 46.44 10.40 14.55
N PHE D 66 45.99 9.89 13.40
CA PHE D 66 46.76 8.91 12.62
C PHE D 66 48.01 9.57 12.04
N LEU D 67 47.83 10.77 11.48
CA LEU D 67 48.94 11.52 10.90
C LEU D 67 49.94 11.93 11.99
N LEU D 68 49.57 11.70 13.24
CA LEU D 68 50.44 12.02 14.38
C LEU D 68 51.03 10.75 14.97
N ALA D 69 50.43 9.61 14.63
CA ALA D 69 50.88 8.31 15.14
C ALA D 69 52.28 7.90 14.67
N GLU D 70 52.80 6.82 15.25
CA GLU D 70 54.12 6.31 14.90
C GLU D 70 53.98 4.87 14.43
N HIS D 71 53.02 4.16 15.01
CA HIS D 71 52.75 2.77 14.63
C HIS D 71 51.25 2.58 14.42
N PRO D 72 50.66 3.34 13.47
CA PRO D 72 49.22 3.25 13.18
C PRO D 72 48.88 1.97 12.41
N VAL D 73 47.78 1.34 12.80
CA VAL D 73 47.34 0.12 12.14
C VAL D 73 45.85 0.27 11.80
N ILE D 74 45.42 -0.42 10.76
CA ILE D 74 44.03 -0.41 10.32
C ILE D 74 43.57 -1.85 10.26
N SER D 75 42.59 -2.18 11.07
CA SER D 75 42.10 -3.55 11.11
C SER D 75 41.16 -3.80 9.93
N VAL D 76 41.06 -5.06 9.53
CA VAL D 76 40.22 -5.41 8.40
C VAL D 76 39.42 -6.67 8.71
N ASN D 77 38.11 -6.63 8.43
CA ASN D 77 37.26 -7.79 8.66
C ASN D 77 36.48 -8.11 7.38
N GLY D 78 35.63 -9.13 7.43
CA GLY D 78 34.86 -9.55 6.28
C GLY D 78 33.90 -8.52 5.68
N ASN D 79 33.38 -7.62 6.50
CA ASN D 79 32.47 -6.60 5.97
C ASN D 79 33.28 -5.54 5.23
N VAL D 80 34.45 -5.23 5.77
CA VAL D 80 35.36 -4.24 5.18
C VAL D 80 35.85 -4.74 3.80
N ALA D 81 36.22 -6.01 3.75
CA ALA D 81 36.74 -6.63 2.51
C ALA D 81 35.68 -6.79 1.43
N ALA D 82 34.42 -6.81 1.85
CA ALA D 82 33.29 -6.97 0.94
C ALA D 82 32.72 -5.65 0.44
N LEU D 83 32.94 -4.57 1.18
CA LEU D 83 32.37 -3.27 0.79
C LEU D 83 33.32 -2.19 0.33
N VAL D 84 34.47 -2.09 0.98
CA VAL D 84 35.43 -1.05 0.63
C VAL D 84 36.86 -1.59 0.61
N PRO D 85 37.09 -2.72 -0.08
CA PRO D 85 38.45 -3.28 -0.13
C PRO D 85 39.47 -2.31 -0.71
N LYS D 86 39.05 -1.62 -1.76
CA LYS D 86 39.95 -0.68 -2.44
C LYS D 86 40.21 0.57 -1.62
N GLU D 87 39.21 1.01 -0.87
CA GLU D 87 39.36 2.22 -0.05
C GLU D 87 40.20 2.01 1.21
N THR D 88 40.14 0.81 1.79
CA THR D 88 40.92 0.55 3.00
C THR D 88 42.40 0.52 2.65
N ILE D 89 42.68 0.31 1.37
CA ILE D 89 44.05 0.27 0.86
C ILE D 89 44.56 1.70 0.60
N GLU D 90 43.67 2.56 0.11
CA GLU D 90 44.06 3.94 -0.15
C GLU D 90 44.18 4.68 1.17
N LEU D 91 43.45 4.19 2.17
CA LEU D 91 43.48 4.81 3.49
C LEU D 91 44.76 4.42 4.20
N ALA D 92 45.07 3.13 4.13
CA ALA D 92 46.26 2.57 4.76
C ALA D 92 47.50 3.25 4.20
N LYS D 93 47.44 3.60 2.92
CA LYS D 93 48.53 4.28 2.23
C LYS D 93 48.57 5.77 2.59
N ALA D 94 47.40 6.41 2.56
CA ALA D 94 47.32 7.84 2.88
C ALA D 94 47.58 8.13 4.34
N LEU D 95 47.70 7.09 5.16
CA LEU D 95 47.98 7.26 6.57
C LEU D 95 49.20 6.45 6.97
N ASN D 96 49.91 5.95 5.97
CA ASN D 96 51.10 5.15 6.20
C ASN D 96 50.88 4.21 7.38
N ALA D 97 49.78 3.48 7.35
CA ALA D 97 49.46 2.55 8.41
C ALA D 97 49.53 1.12 7.88
N LYS D 98 49.62 0.14 8.77
CA LYS D 98 49.65 -1.25 8.35
C LYS D 98 48.25 -1.88 8.42
N LEU D 99 48.05 -2.97 7.67
CA LEU D 99 46.76 -3.66 7.64
C LEU D 99 46.84 -5.00 8.35
N GLU D 100 45.89 -5.25 9.25
CA GLU D 100 45.85 -6.50 9.98
C GLU D 100 44.45 -7.10 9.93
N ILE D 101 44.38 -8.42 9.83
CA ILE D 101 43.11 -9.10 9.77
C ILE D 101 42.65 -9.62 11.15
N ASN D 102 41.41 -9.27 11.49
CA ASN D 102 40.77 -9.68 12.75
C ASN D 102 39.32 -9.84 12.34
N LEU D 103 38.81 -11.07 12.38
CA LEU D 103 37.45 -11.33 11.93
C LEU D 103 36.44 -11.69 13.00
N PHE D 104 35.18 -11.80 12.58
CA PHE D 104 34.11 -12.20 13.47
C PHE D 104 34.37 -13.69 13.73
N TYR D 105 34.12 -14.52 12.73
CA TYR D 105 34.39 -15.96 12.81
C TYR D 105 35.64 -16.17 11.98
N ARG D 106 36.74 -16.53 12.64
CA ARG D 106 38.03 -16.71 11.97
C ARG D 106 38.35 -18.14 11.51
N THR D 107 38.72 -18.27 10.23
CA THR D 107 39.10 -19.56 9.62
C THR D 107 40.13 -19.28 8.54
N GLU D 108 41.02 -20.23 8.28
CA GLU D 108 42.06 -20.06 7.26
C GLU D 108 41.41 -19.79 5.91
N GLU D 109 40.23 -20.39 5.70
CA GLU D 109 39.49 -20.20 4.47
C GLU D 109 39.08 -18.74 4.27
N ARG D 110 38.60 -18.10 5.33
CA ARG D 110 38.19 -16.69 5.23
C ARG D 110 39.40 -15.76 5.27
N VAL D 111 40.38 -16.08 6.09
CA VAL D 111 41.56 -15.26 6.20
C VAL D 111 42.26 -15.09 4.85
N ARG D 112 42.51 -16.20 4.17
CA ARG D 112 43.18 -16.17 2.87
C ARG D 112 42.34 -15.39 1.85
N THR D 113 41.04 -15.68 1.84
CA THR D 113 40.09 -15.05 0.93
C THR D 113 40.09 -13.52 1.06
N ILE D 114 40.05 -13.02 2.29
CA ILE D 114 40.05 -11.57 2.51
C ILE D 114 41.38 -11.00 2.05
N ALA D 115 42.46 -11.72 2.36
CA ALA D 115 43.80 -11.28 1.97
C ALA D 115 43.91 -11.15 0.46
N GLU D 116 43.42 -12.14 -0.27
CA GLU D 116 43.47 -12.11 -1.73
C GLU D 116 42.62 -10.96 -2.30
N GLU D 117 41.51 -10.66 -1.63
CA GLU D 117 40.65 -9.57 -2.09
C GLU D 117 41.41 -8.26 -2.02
N LEU D 118 42.13 -8.08 -0.91
CA LEU D 118 42.92 -6.88 -0.69
C LEU D 118 44.09 -6.87 -1.69
N ARG D 119 44.70 -8.04 -1.87
CA ARG D 119 45.84 -8.18 -2.79
C ARG D 119 45.45 -8.08 -4.26
N LYS D 120 44.15 -7.98 -4.54
CA LYS D 120 43.66 -7.85 -5.90
C LYS D 120 43.74 -6.38 -6.29
N TYR D 121 44.05 -5.54 -5.31
CA TYR D 121 44.15 -4.10 -5.53
C TYR D 121 45.59 -3.68 -5.31
N ASP D 122 46.39 -4.65 -4.86
CA ASP D 122 47.80 -4.44 -4.58
C ASP D 122 48.36 -5.74 -4.02
N PRO D 123 49.05 -6.53 -4.86
CA PRO D 123 49.64 -7.82 -4.47
C PRO D 123 50.85 -7.73 -3.51
N GLU D 124 51.61 -6.64 -3.59
CA GLU D 124 52.78 -6.46 -2.75
C GLU D 124 52.49 -5.74 -1.43
N ILE D 125 51.23 -5.72 -1.00
CA ILE D 125 50.89 -5.03 0.25
C ILE D 125 51.02 -5.99 1.44
N GLU D 126 51.55 -5.46 2.54
CA GLU D 126 51.74 -6.26 3.75
C GLU D 126 50.42 -6.47 4.48
N ILE D 127 50.09 -7.72 4.75
CA ILE D 127 48.85 -8.05 5.44
C ILE D 127 49.18 -8.88 6.67
N LEU D 128 49.11 -8.25 7.84
CA LEU D 128 49.41 -8.92 9.08
C LEU D 128 48.21 -9.73 9.54
N GLY D 129 48.27 -10.24 10.76
CA GLY D 129 47.16 -11.02 11.28
C GLY D 129 47.02 -12.38 10.61
N ILE D 130 47.95 -12.71 9.74
CA ILE D 130 47.92 -13.99 9.06
C ILE D 130 48.40 -15.05 10.05
N ASN D 131 49.12 -14.62 11.08
CA ASN D 131 49.64 -15.50 12.11
C ASN D 131 49.78 -14.76 13.45
N PRO D 132 48.66 -14.58 14.18
CA PRO D 132 48.61 -13.88 15.47
C PRO D 132 49.06 -14.69 16.69
N THR D 133 50.23 -14.36 17.21
CA THR D 133 50.75 -15.07 18.38
C THR D 133 50.32 -14.35 19.65
N LYS D 134 50.44 -13.02 19.64
CA LYS D 134 50.08 -12.20 20.78
C LYS D 134 48.57 -12.21 21.03
N ARG D 135 48.19 -11.95 22.27
CA ARG D 135 46.77 -11.96 22.63
C ARG D 135 46.41 -10.83 23.60
N ILE D 136 45.53 -9.94 23.16
CA ILE D 136 45.11 -8.81 23.98
C ILE D 136 44.65 -9.31 25.34
N PRO D 137 45.18 -8.72 26.42
CA PRO D 137 44.80 -9.13 27.77
C PRO D 137 43.32 -8.90 28.07
N GLY D 138 42.63 -9.98 28.45
CA GLY D 138 41.22 -9.87 28.78
C GLY D 138 40.30 -10.60 27.81
N LEU D 139 40.71 -10.68 26.55
CA LEU D 139 39.92 -11.33 25.52
C LEU D 139 40.27 -12.80 25.39
N GLU D 140 39.29 -13.67 25.58
CA GLU D 140 39.51 -15.11 25.48
C GLU D 140 38.83 -15.69 24.24
N GLY D 144 40.51 -13.72 20.04
CA GLY D 144 41.08 -12.64 20.82
C GLY D 144 42.56 -12.45 20.57
N LYS D 145 43.07 -13.11 19.54
CA LYS D 145 44.49 -13.01 19.19
C LYS D 145 44.74 -11.87 18.21
N VAL D 146 45.92 -11.27 18.30
CA VAL D 146 46.31 -10.16 17.43
C VAL D 146 47.76 -10.33 17.02
N ASP D 147 48.14 -9.70 15.90
CA ASP D 147 49.50 -9.81 15.41
C ASP D 147 50.47 -9.05 16.31
N GLU D 148 51.69 -9.59 16.44
CA GLU D 148 52.74 -9.00 17.25
C GLU D 148 53.41 -7.82 16.56
N ASN D 149 53.42 -7.84 15.23
CA ASN D 149 54.01 -6.76 14.44
C ASN D 149 52.96 -5.72 14.07
N GLY D 150 51.69 -6.03 14.30
CA GLY D 150 50.63 -5.09 13.97
C GLY D 150 50.03 -4.38 15.15
N ILE D 151 48.74 -4.62 15.38
CA ILE D 151 48.00 -4.01 16.48
C ILE D 151 48.77 -4.04 17.81
N TRP D 152 49.54 -5.10 18.03
CA TRP D 152 50.32 -5.27 19.26
C TRP D 152 51.34 -4.15 19.49
N LYS D 153 51.91 -3.62 18.42
CA LYS D 153 52.89 -2.57 18.50
C LYS D 153 52.28 -1.21 18.20
N ALA D 154 51.00 -1.23 17.85
CA ALA D 154 50.30 -0.01 17.49
C ALA D 154 50.00 0.93 18.65
N ASP D 155 50.00 2.23 18.34
CA ASP D 155 49.70 3.26 19.33
C ASP D 155 48.33 3.85 18.97
N VAL D 156 47.99 3.73 17.69
CA VAL D 156 46.72 4.21 17.15
C VAL D 156 46.19 3.10 16.24
N VAL D 157 44.93 2.72 16.45
CA VAL D 157 44.34 1.65 15.66
C VAL D 157 42.93 1.99 15.20
N LEU D 158 42.62 1.56 13.99
CA LEU D 158 41.32 1.80 13.41
C LEU D 158 40.63 0.46 13.38
N VAL D 159 39.50 0.38 14.06
CA VAL D 159 38.74 -0.86 14.07
C VAL D 159 37.32 -0.63 13.60
N PRO D 160 37.09 -0.78 12.28
CA PRO D 160 35.73 -0.56 11.77
C PRO D 160 34.78 -1.69 12.16
N LEU D 161 33.55 -1.32 12.50
CA LEU D 161 32.52 -2.28 12.88
C LEU D 161 32.99 -3.25 13.96
N GLU D 162 33.77 -2.75 14.91
CA GLU D 162 34.31 -3.59 15.97
C GLU D 162 33.31 -4.17 16.98
N ASP D 163 33.62 -5.37 17.47
CA ASP D 163 32.79 -6.05 18.46
C ASP D 163 33.01 -5.45 19.83
N GLY D 164 32.01 -5.59 20.69
CA GLY D 164 32.09 -5.04 22.03
C GLY D 164 33.42 -4.92 22.72
N ASP D 165 33.75 -5.95 23.49
CA ASP D 165 34.96 -6.01 24.31
C ASP D 165 36.33 -5.68 23.73
N ARG D 166 36.61 -6.16 22.52
CA ARG D 166 37.91 -5.89 21.91
C ARG D 166 38.29 -4.41 21.96
N THR D 167 37.34 -3.52 21.70
CA THR D 167 37.64 -2.10 21.73
C THR D 167 38.12 -1.63 23.11
N GLU D 168 37.36 -1.91 24.15
CA GLU D 168 37.80 -1.46 25.47
C GLU D 168 39.05 -2.16 25.97
N ALA D 169 39.24 -3.42 25.57
CA ALA D 169 40.43 -4.17 25.99
C ALA D 169 41.67 -3.50 25.42
N LEU D 170 41.54 -2.96 24.21
CA LEU D 170 42.63 -2.26 23.52
C LEU D 170 42.90 -0.95 24.22
N VAL D 171 41.84 -0.29 24.68
CA VAL D 171 42.01 0.96 25.38
C VAL D 171 42.75 0.70 26.69
N ARG D 172 42.32 -0.32 27.43
CA ARG D 172 42.93 -0.70 28.70
C ARG D 172 44.45 -0.79 28.58
N MET D 173 44.94 -1.33 27.46
CA MET D 173 46.38 -1.42 27.28
C MET D 173 46.95 -0.18 26.61
N GLY D 174 46.44 0.98 27.02
CA GLY D 174 46.91 2.25 26.49
C GLY D 174 46.92 2.49 25.00
N LYS D 175 46.10 1.77 24.25
CA LYS D 175 46.06 1.98 22.80
C LYS D 175 44.93 2.95 22.48
N PHE D 176 45.21 3.95 21.65
CA PHE D 176 44.22 4.94 21.24
C PHE D 176 43.40 4.26 20.13
N VAL D 177 42.09 4.15 20.34
CA VAL D 177 41.20 3.46 19.42
C VAL D 177 40.16 4.30 18.68
N VAL D 178 40.18 4.20 17.36
CA VAL D 178 39.22 4.91 16.51
C VAL D 178 38.31 3.89 15.88
N THR D 179 37.01 4.11 15.96
CA THR D 179 36.12 3.16 15.34
C THR D 179 35.17 3.85 14.38
N VAL D 180 34.64 3.05 13.45
CA VAL D 180 33.66 3.48 12.49
C VAL D 180 32.50 2.55 12.84
N ASP D 181 31.45 3.11 13.43
CA ASP D 181 30.30 2.32 13.87
C ASP D 181 29.05 3.16 13.77
N LEU D 182 28.05 2.63 13.09
CA LEU D 182 26.77 3.29 12.89
C LEU D 182 25.87 3.27 14.13
N ASN D 183 26.17 2.42 15.10
CA ASN D 183 25.36 2.32 16.31
C ASN D 183 26.06 3.06 17.46
N PRO D 184 25.65 4.31 17.70
CA PRO D 184 26.28 5.09 18.79
C PRO D 184 26.08 4.46 20.16
N LEU D 185 25.09 3.57 20.26
CA LEU D 185 24.78 2.93 21.54
C LEU D 185 25.55 1.63 21.80
N SER D 186 26.32 1.16 20.83
CA SER D 186 27.08 -0.08 20.98
C SER D 186 28.21 0.13 22.00
N ARG D 187 28.56 -0.93 22.71
CA ARG D 187 29.62 -0.88 23.73
C ARG D 187 30.91 -0.37 23.10
N SER D 188 31.20 -0.81 21.88
CA SER D 188 32.41 -0.40 21.19
C SER D 188 32.40 1.09 20.90
N ALA D 189 31.27 1.61 20.42
CA ALA D 189 31.15 3.04 20.12
C ALA D 189 31.36 3.87 21.39
N ARG D 190 30.81 3.39 22.51
CA ARG D 190 30.89 4.06 23.81
C ARG D 190 32.25 3.99 24.48
N MET D 191 33.07 3.02 24.07
CA MET D 191 34.39 2.83 24.64
C MET D 191 35.56 3.36 23.80
N ALA D 192 35.35 3.51 22.50
CA ALA D 192 36.39 4.01 21.60
C ALA D 192 36.80 5.45 21.92
N ASP D 193 38.04 5.81 21.62
CA ASP D 193 38.55 7.17 21.86
C ASP D 193 37.88 8.12 20.87
N ILE D 194 37.76 7.70 19.62
CA ILE D 194 37.07 8.51 18.63
C ILE D 194 36.07 7.58 17.94
N THR D 195 34.80 7.97 17.93
CA THR D 195 33.77 7.14 17.32
C THR D 195 33.17 7.86 16.11
N ILE D 196 33.44 7.33 14.92
CA ILE D 196 32.89 7.90 13.69
C ILE D 196 31.54 7.23 13.40
N VAL D 197 30.45 7.96 13.59
CA VAL D 197 29.11 7.41 13.36
C VAL D 197 28.66 7.71 11.94
N ASP D 198 29.07 6.84 11.03
CA ASP D 198 28.79 6.99 9.61
C ASP D 198 29.03 5.63 8.95
N ASN D 199 28.48 5.42 7.77
CA ASN D 199 28.66 4.15 7.07
C ASN D 199 30.09 4.11 6.54
N ILE D 200 30.75 2.95 6.63
CA ILE D 200 32.12 2.82 6.12
C ILE D 200 32.23 3.11 4.64
N VAL D 201 31.16 2.86 3.89
CA VAL D 201 31.20 3.12 2.45
C VAL D 201 31.29 4.61 2.21
N ARG D 202 30.99 5.41 3.25
CA ARG D 202 31.12 6.86 3.10
C ARG D 202 32.35 7.36 3.87
N ALA D 203 32.58 6.78 5.05
CA ALA D 203 33.69 7.20 5.91
C ALA D 203 35.07 7.01 5.31
N TYR D 204 35.36 5.80 4.82
CA TYR D 204 36.68 5.54 4.26
C TYR D 204 37.04 6.44 3.08
N PRO D 205 36.18 6.51 2.05
CA PRO D 205 36.61 7.41 0.98
C PRO D 205 36.76 8.83 1.53
N ARG D 206 35.88 9.24 2.46
CA ARG D 206 35.97 10.58 3.02
C ARG D 206 37.24 10.76 3.86
N MET D 207 37.69 9.69 4.49
CA MET D 207 38.89 9.70 5.32
C MET D 207 40.10 9.91 4.38
N VAL D 208 40.06 9.23 3.24
CA VAL D 208 41.11 9.32 2.23
C VAL D 208 41.25 10.78 1.80
N GLU D 209 40.11 11.44 1.55
CA GLU D 209 40.14 12.83 1.13
C GLU D 209 40.79 13.72 2.19
N LEU D 210 40.42 13.49 3.45
CA LEU D 210 40.95 14.27 4.56
C LEU D 210 42.46 14.05 4.71
N ALA D 211 42.90 12.82 4.50
CA ALA D 211 44.31 12.50 4.62
C ALA D 211 45.13 13.33 3.60
N ARG D 212 44.59 13.54 2.40
CA ARG D 212 45.28 14.32 1.37
C ARG D 212 45.24 15.81 1.71
N GLU D 213 44.09 16.27 2.21
CA GLU D 213 43.89 17.66 2.57
C GLU D 213 44.69 18.10 3.80
N MET D 214 45.01 17.15 4.67
CA MET D 214 45.76 17.46 5.89
C MET D 214 47.17 16.87 5.80
N LYS D 215 47.48 16.31 4.64
CA LYS D 215 48.78 15.69 4.38
C LYS D 215 49.99 16.56 4.77
N ASP D 216 49.86 17.88 4.65
CA ASP D 216 50.98 18.74 4.97
C ASP D 216 50.90 19.56 6.25
N TYR D 217 49.80 19.43 6.98
CA TYR D 217 49.64 20.17 8.24
C TYR D 217 50.85 19.91 9.15
N SER D 218 51.13 20.86 10.02
CA SER D 218 52.25 20.75 10.95
C SER D 218 51.77 20.00 12.19
N ARG D 219 52.71 19.43 12.93
CA ARG D 219 52.35 18.71 14.15
C ARG D 219 51.56 19.63 15.07
N GLU D 220 51.80 20.93 14.98
CA GLU D 220 51.09 21.89 15.80
C GLU D 220 49.62 22.02 15.37
N GLU D 221 49.40 22.01 14.06
CA GLU D 221 48.05 22.13 13.51
C GLU D 221 47.22 20.87 13.78
N LEU D 222 47.89 19.72 13.75
CA LEU D 222 47.23 18.45 14.00
C LEU D 222 46.90 18.25 15.48
N LEU D 223 47.79 18.67 16.39
CA LEU D 223 47.55 18.52 17.82
C LEU D 223 46.39 19.40 18.26
N LYS D 224 46.25 20.55 17.59
CA LYS D 224 45.17 21.47 17.88
C LYS D 224 43.82 20.81 17.54
N ILE D 225 43.76 20.14 16.39
CA ILE D 225 42.55 19.46 15.95
C ILE D 225 42.20 18.36 16.96
N VAL D 226 43.18 17.54 17.32
CA VAL D 226 42.95 16.46 18.26
C VAL D 226 42.55 17.02 19.62
N GLY D 227 43.08 18.19 19.96
CA GLY D 227 42.76 18.79 21.25
C GLY D 227 41.37 19.36 21.34
N GLU D 228 40.81 19.77 20.21
CA GLU D 228 39.49 20.34 20.21
C GLU D 228 38.39 19.28 20.06
N TYR D 229 38.78 18.00 20.04
CA TYR D 229 37.81 16.93 19.87
C TYR D 229 37.33 16.28 21.17
N ASP D 230 36.02 16.14 21.32
CA ASP D 230 35.45 15.55 22.52
C ASP D 230 34.48 14.46 22.09
N ASN D 231 34.90 13.20 22.22
CA ASN D 231 34.06 12.07 21.82
C ASN D 231 32.76 12.01 22.62
N GLY D 232 32.83 12.40 23.89
CA GLY D 232 31.64 12.40 24.72
C GLY D 232 30.53 13.30 24.19
N LYS D 233 30.88 14.52 23.76
CA LYS D 233 29.85 15.43 23.25
C LYS D 233 29.39 14.95 21.88
N THR D 234 30.35 14.45 21.09
CA THR D 234 30.02 13.96 19.76
C THR D 234 28.92 12.89 19.87
N LEU D 235 29.13 11.87 20.69
CA LEU D 235 28.11 10.82 20.86
C LEU D 235 26.77 11.42 21.27
N SER D 236 26.79 12.38 22.20
CA SER D 236 25.54 13.01 22.62
C SER D 236 24.90 13.75 21.46
N ASP D 237 25.72 14.44 20.65
CA ASP D 237 25.20 15.15 19.49
C ASP D 237 24.58 14.14 18.51
N VAL D 238 25.23 12.99 18.34
CA VAL D 238 24.70 11.97 17.43
C VAL D 238 23.34 11.47 17.94
N LEU D 239 23.21 11.26 19.25
CA LEU D 239 21.94 10.81 19.80
C LEU D 239 20.82 11.83 19.54
N LEU D 240 21.13 13.10 19.69
CA LEU D 240 20.13 14.15 19.47
C LEU D 240 19.73 14.25 17.99
N HIS D 241 20.68 14.01 17.09
CA HIS D 241 20.36 14.05 15.66
C HIS D 241 19.34 12.93 15.38
N ILE D 242 19.60 11.74 15.92
CA ILE D 242 18.72 10.59 15.71
C ILE D 242 17.33 10.87 16.30
N ARG D 243 17.30 11.46 17.49
CA ARG D 243 16.06 11.82 18.14
C ARG D 243 15.27 12.76 17.21
N ASP D 244 15.93 13.80 16.70
CA ASP D 244 15.21 14.73 15.83
C ASP D 244 14.78 14.07 14.53
N ARG D 245 15.60 13.16 14.01
CA ARG D 245 15.20 12.48 12.78
C ARG D 245 13.95 11.65 13.09
N LEU D 246 13.93 11.00 14.25
CA LEU D 246 12.76 10.20 14.63
C LEU D 246 11.48 11.01 14.64
N THR D 247 11.55 12.21 15.22
CA THR D 247 10.39 13.09 15.29
C THR D 247 9.87 13.35 13.87
N ARG D 248 10.81 13.61 12.95
CA ARG D 248 10.48 13.88 11.56
C ARG D 248 9.87 12.66 10.87
N LEU D 249 10.62 11.56 10.82
CA LEU D 249 10.16 10.34 10.17
C LEU D 249 8.81 9.90 10.72
N ALA D 250 8.59 10.15 12.00
CA ALA D 250 7.34 9.76 12.64
C ALA D 250 6.18 10.47 11.97
N GLU D 251 6.46 11.58 11.32
CA GLU D 251 5.41 12.34 10.66
C GLU D 251 5.52 12.36 9.15
N GLU D 252 6.10 11.30 8.59
CA GLU D 252 6.25 11.19 7.13
C GLU D 252 5.72 9.84 6.65
N GLY D 253 5.59 9.70 5.34
CA GLY D 253 5.14 8.44 4.76
C GLY D 253 3.65 8.12 4.75
N ILE D 254 3.35 6.85 4.56
CA ILE D 254 1.98 6.36 4.50
C ILE D 254 1.56 5.80 5.85
N TRP D 255 0.35 6.13 6.25
CA TRP D 255 -0.20 5.69 7.52
C TRP D 255 -1.65 5.21 7.32
N ARG D 256 -2.21 4.58 8.34
CA ARG D 256 -3.56 4.08 8.26
C ARG D 256 -4.45 4.84 9.25
N ARG D 257 -5.45 5.54 8.73
CA ARG D 257 -6.38 6.30 9.58
C ARG D 257 -7.14 5.33 10.49
N LYS D 258 -7.53 4.18 9.94
CA LYS D 258 -8.25 3.15 10.68
C LYS D 258 -9.07 3.72 11.83
N GLU D 259 -9.72 4.86 11.58
CA GLU D 259 -10.53 5.52 12.59
C GLU D 259 -12.01 5.28 12.33
O5' ADN E . -9.71 3.74 -12.67
C5' ADN E . -10.89 4.02 -11.92
C4' ADN E . -10.84 5.45 -11.34
O4' ADN E . -10.78 6.41 -12.42
C3' ADN E . -12.12 5.72 -10.54
O3' ADN E . -11.80 5.89 -9.15
C2' ADN E . -12.73 7.03 -11.10
O2' ADN E . -12.85 8.02 -10.07
C1' ADN E . -11.73 7.47 -12.17
N9 ADN E . -12.37 7.89 -13.41
C8 ADN E . -13.20 7.16 -14.24
N7 ADN E . -13.54 7.89 -15.27
C5 ADN E . -12.94 9.11 -15.17
C6 ADN E . -12.92 10.30 -15.95
N6 ADN E . -13.63 10.36 -17.13
N1 ADN E . -12.19 11.37 -15.51
C2 ADN E . -11.50 11.33 -14.36
N3 ADN E . -11.49 10.23 -13.59
C4 ADN E . -12.19 9.12 -13.96
O5' ADN F . -29.35 3.58 -15.47
C5' ADN F . -28.31 4.19 -14.72
C4' ADN F . -28.49 3.92 -13.23
O4' ADN F . -28.42 2.50 -12.93
C3' ADN F . -27.38 4.57 -12.41
O3' ADN F . -27.79 5.83 -11.93
C2' ADN F . -27.08 3.58 -11.27
O2' ADN F . -27.27 4.20 -10.00
C1' ADN F . -28.09 2.44 -11.51
N9 ADN F . -27.54 1.12 -11.14
C8 ADN F . -26.47 0.47 -11.71
N7 ADN F . -26.29 -0.68 -11.12
C5 ADN F . -27.23 -0.85 -10.15
C6 ADN F . -27.55 -1.86 -9.20
N6 ADN F . -26.80 -3.04 -9.15
N1 ADN F . -28.61 -1.67 -8.37
C2 ADN F . -29.34 -0.55 -8.41
N3 ADN F . -29.08 0.43 -9.28
C4 ADN F . -28.04 0.33 -10.15
O5' ADN G . 11.21 -8.63 8.91
C5' ADN G . 12.12 -7.57 9.16
C4' ADN G . 11.55 -6.63 10.22
O4' ADN G . 11.31 -7.31 11.48
C3' ADN G . 12.55 -5.50 10.49
O3' ADN G . 12.03 -4.28 9.97
C2' ADN G . 12.74 -5.44 12.01
O2' ADN G . 12.35 -4.17 12.49
C1' ADN G . 11.85 -6.54 12.59
N9 ADN G . 12.58 -7.46 13.47
C8 ADN G . 13.78 -8.08 13.20
N7 ADN G . 14.12 -8.84 14.20
C5 ADN G . 13.18 -8.75 15.17
C6 ADN G . 13.00 -9.35 16.46
N6 ADN G . 13.95 -10.25 16.96
N1 ADN G . 11.90 -9.02 17.17
C2 ADN G . 10.97 -8.15 16.69
N3 ADN G . 11.10 -7.58 15.48
C4 ADN G . 12.17 -7.85 14.71
O5' ADN H . 30.03 -4.49 14.76
C5' ADN H . 28.67 -4.05 14.81
C4' ADN H . 28.54 -2.60 14.32
O4' ADN H . 28.97 -2.46 12.93
C3' ADN H . 27.09 -2.12 14.37
O3' ADN H . 26.84 -1.38 15.57
C2' ADN H . 26.90 -1.27 13.10
O2' ADN H . 26.49 0.07 13.41
C1' ADN H . 28.27 -1.29 12.40
N9 ADN H . 28.10 -1.40 10.94
C8 ADN H . 27.51 -2.44 10.23
N7 ADN H . 27.54 -2.20 8.95
C5 ADN H . 28.14 -1.01 8.74
C6 ADN H . 28.46 -0.23 7.59
N6 ADN H . 28.13 -0.68 6.32
N1 ADN H . 29.08 0.96 7.77
C2 ADN H . 29.40 1.42 8.99
N3 ADN H . 29.12 0.71 10.09
C4 ADN H . 28.50 -0.48 10.02
#